data_2AQA
#
_entry.id   2AQA
#
_entity_poly.entity_id   1
_entity_poly.type   'polypeptide(L)'
_entity_poly.pdbx_seq_one_letter_code
;HLMYTLGPDGKRIYTLKKVTESGEITKSAHPARFSPDDKYSRQRVTLKKRFGLVPGQHHHHHH
;
_entity_poly.pdbx_strand_id   A
#
# COMPACT_ATOMS: atom_id res chain seq x y z
N HIS A 1 -17.10 4.22 -0.02
CA HIS A 1 -17.46 3.79 1.33
C HIS A 1 -17.89 2.34 1.34
N LEU A 2 -17.94 1.73 0.15
CA LEU A 2 -18.34 0.33 0.02
C LEU A 2 -17.27 -0.60 0.58
N MET A 3 -17.71 -1.68 1.21
CA MET A 3 -16.78 -2.65 1.80
C MET A 3 -16.70 -3.90 0.93
N TYR A 4 -16.99 -3.76 -0.35
CA TYR A 4 -16.95 -4.87 -1.29
C TYR A 4 -16.95 -4.39 -2.73
N THR A 5 -16.18 -5.05 -3.58
CA THR A 5 -16.09 -4.69 -4.98
C THR A 5 -17.12 -5.44 -5.81
N LEU A 6 -17.73 -4.73 -6.76
CA LEU A 6 -18.75 -5.33 -7.62
C LEU A 6 -18.12 -5.87 -8.90
N GLY A 7 -18.83 -6.78 -9.56
CA GLY A 7 -18.33 -7.36 -10.80
C GLY A 7 -18.87 -6.66 -12.03
N PRO A 8 -18.54 -7.20 -13.22
CA PRO A 8 -18.98 -6.64 -14.49
C PRO A 8 -20.48 -6.83 -14.71
N ASP A 9 -21.09 -7.67 -13.89
CA ASP A 9 -22.53 -7.94 -14.01
C ASP A 9 -23.29 -7.30 -12.84
N GLY A 10 -22.57 -7.04 -11.74
CA GLY A 10 -23.20 -6.44 -10.58
C GLY A 10 -23.14 -7.35 -9.37
N LYS A 11 -22.26 -8.35 -9.41
CA LYS A 11 -22.12 -9.28 -8.30
C LYS A 11 -21.21 -8.71 -7.22
N ARG A 12 -21.66 -8.77 -5.97
CA ARG A 12 -20.90 -8.26 -4.85
C ARG A 12 -19.74 -9.19 -4.51
N ILE A 13 -18.62 -8.62 -4.09
CA ILE A 13 -17.45 -9.40 -3.73
C ILE A 13 -16.71 -8.79 -2.55
N TYR A 14 -16.80 -9.44 -1.39
CA TYR A 14 -16.14 -8.95 -0.19
C TYR A 14 -14.63 -8.88 -0.38
N THR A 15 -14.13 -7.71 -0.73
CA THR A 15 -12.71 -7.51 -0.95
C THR A 15 -12.23 -6.19 -0.36
N LEU A 16 -12.56 -5.96 0.92
CA LEU A 16 -12.17 -4.75 1.61
C LEU A 16 -10.66 -4.49 1.46
N LYS A 17 -9.87 -5.53 1.67
CA LYS A 17 -8.42 -5.42 1.55
C LYS A 17 -7.89 -4.31 2.45
N LYS A 18 -8.51 -4.15 3.62
CA LYS A 18 -8.10 -3.13 4.57
C LYS A 18 -6.65 -3.35 5.01
N VAL A 19 -6.32 -4.60 5.35
CA VAL A 19 -4.97 -4.94 5.77
C VAL A 19 -4.06 -5.18 4.59
N THR A 20 -2.81 -4.75 4.70
CA THR A 20 -1.83 -4.92 3.63
C THR A 20 -1.70 -6.39 3.24
N GLU A 21 -1.06 -7.17 4.09
CA GLU A 21 -0.86 -8.59 3.82
C GLU A 21 -1.87 -9.43 4.61
N SER A 22 -2.25 -10.57 4.04
CA SER A 22 -3.21 -11.46 4.68
C SER A 22 -2.71 -12.90 4.66
N GLY A 23 -1.74 -13.20 5.53
CA GLY A 23 -1.19 -14.53 5.59
C GLY A 23 -0.65 -14.87 6.98
N GLU A 24 -0.72 -16.15 7.34
CA GLU A 24 -0.22 -16.59 8.63
C GLU A 24 1.30 -16.70 8.65
N ILE A 25 1.93 -15.91 9.51
CA ILE A 25 3.38 -15.91 9.61
C ILE A 25 3.89 -17.20 10.24
N THR A 26 4.73 -17.92 9.51
CA THR A 26 5.29 -19.18 9.99
C THR A 26 6.27 -18.95 11.13
N LYS A 27 6.38 -19.94 12.02
CA LYS A 27 7.29 -19.83 13.16
C LYS A 27 8.75 -19.92 12.70
N SER A 28 9.59 -19.09 13.30
CA SER A 28 11.01 -19.06 12.95
C SER A 28 11.80 -20.03 13.84
N ALA A 29 13.08 -20.17 13.54
CA ALA A 29 13.95 -21.05 14.32
C ALA A 29 13.39 -22.47 14.36
N HIS A 30 13.00 -22.98 13.20
CA HIS A 30 12.45 -24.32 13.10
C HIS A 30 13.51 -25.38 13.38
N PRO A 31 13.07 -26.59 13.72
CA PRO A 31 13.98 -27.71 14.02
C PRO A 31 14.70 -28.21 12.77
N ALA A 32 15.98 -27.83 12.65
CA ALA A 32 16.79 -28.24 11.51
C ALA A 32 17.47 -29.57 11.77
N ARG A 33 17.77 -30.30 10.70
CA ARG A 33 18.43 -31.60 10.82
C ARG A 33 19.69 -31.50 11.69
N PHE A 34 19.89 -32.48 12.56
CA PHE A 34 21.05 -32.51 13.43
C PHE A 34 22.22 -33.23 12.78
N SER A 35 23.31 -32.50 12.53
CA SER A 35 24.49 -33.06 11.91
C SER A 35 25.66 -32.10 12.00
N PRO A 36 26.16 -31.89 13.22
CA PRO A 36 27.30 -31.00 13.48
C PRO A 36 28.61 -31.55 12.93
N ASP A 37 28.76 -32.87 12.98
CA ASP A 37 29.96 -33.53 12.49
C ASP A 37 29.61 -34.72 11.61
N ASP A 38 30.63 -35.41 11.11
CA ASP A 38 30.43 -36.57 10.26
C ASP A 38 30.26 -37.83 11.11
N LYS A 39 30.75 -37.79 12.34
CA LYS A 39 30.63 -38.93 13.25
C LYS A 39 29.18 -39.18 13.63
N TYR A 40 28.32 -38.21 13.34
CA TYR A 40 26.90 -38.33 13.64
C TYR A 40 26.33 -39.63 13.11
N SER A 41 26.90 -40.11 12.01
CA SER A 41 26.45 -41.35 11.39
C SER A 41 26.80 -42.56 12.26
N ARG A 42 25.82 -43.41 12.52
CA ARG A 42 26.01 -44.59 13.34
C ARG A 42 26.91 -45.60 12.62
N GLN A 43 26.91 -45.55 11.30
CA GLN A 43 27.71 -46.46 10.49
C GLN A 43 29.21 -46.22 10.73
N ARG A 44 29.58 -44.94 10.79
CA ARG A 44 30.98 -44.58 11.00
C ARG A 44 31.48 -45.12 12.34
N VAL A 45 30.59 -45.19 13.32
CA VAL A 45 30.95 -45.69 14.64
C VAL A 45 31.06 -47.21 14.64
N THR A 46 30.15 -47.88 13.93
CA THR A 46 30.16 -49.33 13.85
C THR A 46 31.47 -49.84 13.29
N LEU A 47 32.04 -50.86 13.94
CA LEU A 47 33.30 -51.44 13.51
C LEU A 47 33.22 -51.88 12.05
N LYS A 48 34.35 -52.34 11.52
CA LYS A 48 34.41 -52.79 10.13
C LYS A 48 33.39 -53.87 9.87
N LYS A 49 32.48 -53.62 8.93
CA LYS A 49 31.44 -54.57 8.58
C LYS A 49 31.77 -55.30 7.28
N ARG A 50 33.06 -55.40 6.99
CA ARG A 50 33.51 -56.07 5.77
C ARG A 50 33.92 -57.51 6.06
N PHE A 51 34.35 -57.76 7.29
CA PHE A 51 34.76 -59.10 7.69
C PHE A 51 35.79 -59.66 6.72
N GLY A 52 36.79 -58.84 6.38
CA GLY A 52 37.82 -59.27 5.45
C GLY A 52 38.94 -60.01 6.15
N LEU A 53 38.61 -61.12 6.81
CA LEU A 53 39.60 -61.92 7.51
C LEU A 53 40.35 -62.85 6.56
N VAL A 54 41.46 -63.41 7.04
CA VAL A 54 42.25 -64.32 6.22
C VAL A 54 42.67 -65.55 7.02
N PRO A 55 41.69 -66.43 7.29
CA PRO A 55 41.92 -67.67 8.05
C PRO A 55 42.76 -68.68 7.25
N GLY A 56 43.67 -69.36 7.95
CA GLY A 56 44.50 -70.35 7.31
C GLY A 56 45.55 -70.92 8.24
N GLN A 57 46.77 -71.05 7.76
CA GLN A 57 47.86 -71.61 8.56
C GLN A 57 48.38 -70.57 9.56
N HIS A 1 -19.07 4.34 1.79
CA HIS A 1 -19.08 3.29 2.81
C HIS A 1 -19.08 1.91 2.15
N LEU A 2 -18.54 1.83 0.93
CA LEU A 2 -18.48 0.57 0.21
C LEU A 2 -17.39 -0.33 0.77
N MET A 3 -17.78 -1.53 1.18
CA MET A 3 -16.83 -2.49 1.74
C MET A 3 -16.81 -3.77 0.91
N TYR A 4 -17.11 -3.65 -0.37
CA TYR A 4 -17.12 -4.79 -1.27
C TYR A 4 -17.12 -4.35 -2.73
N THR A 5 -16.24 -4.94 -3.52
CA THR A 5 -16.13 -4.61 -4.94
C THR A 5 -17.15 -5.37 -5.76
N LEU A 6 -17.71 -4.71 -6.77
CA LEU A 6 -18.71 -5.32 -7.64
C LEU A 6 -18.06 -5.93 -8.88
N GLY A 7 -18.82 -6.74 -9.60
CA GLY A 7 -18.30 -7.37 -10.80
C GLY A 7 -18.79 -6.70 -12.07
N PRO A 8 -18.56 -7.36 -13.22
CA PRO A 8 -18.99 -6.83 -14.52
C PRO A 8 -20.50 -6.87 -14.70
N ASP A 9 -21.17 -7.69 -13.89
CA ASP A 9 -22.62 -7.80 -13.96
C ASP A 9 -23.27 -7.14 -12.76
N GLY A 10 -22.52 -7.01 -11.67
CA GLY A 10 -23.04 -6.40 -10.46
C GLY A 10 -23.02 -7.33 -9.27
N LYS A 11 -22.22 -8.39 -9.37
CA LYS A 11 -22.11 -9.37 -8.29
C LYS A 11 -21.17 -8.86 -7.21
N ARG A 12 -21.70 -8.67 -6.00
CA ARG A 12 -20.91 -8.20 -4.88
C ARG A 12 -19.75 -9.14 -4.60
N ILE A 13 -18.64 -8.58 -4.10
CA ILE A 13 -17.47 -9.37 -3.79
C ILE A 13 -16.70 -8.79 -2.60
N TYR A 14 -16.73 -9.50 -1.48
CA TYR A 14 -16.05 -9.04 -0.28
C TYR A 14 -14.53 -9.12 -0.45
N THR A 15 -13.96 -8.08 -1.03
CA THR A 15 -12.52 -8.03 -1.26
C THR A 15 -12.00 -6.60 -1.15
N LEU A 16 -12.62 -5.81 -0.29
CA LEU A 16 -12.22 -4.41 -0.10
C LEU A 16 -10.73 -4.32 0.18
N LYS A 17 -10.26 -5.13 1.13
CA LYS A 17 -8.85 -5.13 1.49
C LYS A 17 -7.97 -5.30 0.26
N LYS A 18 -6.83 -4.62 0.26
CA LYS A 18 -5.89 -4.69 -0.86
C LYS A 18 -6.52 -4.13 -2.14
N VAL A 19 -7.15 -2.96 -2.01
CA VAL A 19 -7.79 -2.33 -3.15
C VAL A 19 -7.62 -0.80 -3.10
N THR A 20 -7.46 -0.19 -4.27
CA THR A 20 -7.29 1.25 -4.35
C THR A 20 -8.33 1.87 -5.28
N GLU A 21 -8.55 3.18 -5.13
CA GLU A 21 -9.52 3.89 -5.96
C GLU A 21 -8.82 4.61 -7.11
N SER A 22 -7.67 4.09 -7.53
CA SER A 22 -6.91 4.68 -8.62
C SER A 22 -6.66 6.17 -8.35
N GLY A 23 -6.51 6.52 -7.09
CA GLY A 23 -6.27 7.90 -6.73
C GLY A 23 -4.88 8.12 -6.14
N GLU A 24 -3.98 7.18 -6.43
CA GLU A 24 -2.61 7.27 -5.92
C GLU A 24 -1.81 8.30 -6.71
N ILE A 25 -2.01 8.31 -8.03
CA ILE A 25 -1.30 9.25 -8.89
C ILE A 25 -2.07 10.57 -9.00
N THR A 26 -1.35 11.68 -8.85
CA THR A 26 -1.96 13.00 -8.93
C THR A 26 -1.32 13.83 -10.04
N LYS A 27 -1.88 15.01 -10.29
CA LYS A 27 -1.37 15.89 -11.32
C LYS A 27 -0.73 17.13 -10.71
N SER A 28 -0.15 17.98 -11.56
CA SER A 28 0.50 19.19 -11.09
C SER A 28 -0.49 20.37 -11.08
N ALA A 29 -0.21 21.35 -10.24
CA ALA A 29 -1.07 22.52 -10.12
C ALA A 29 -0.81 23.50 -11.26
N HIS A 30 -1.78 24.39 -11.51
CA HIS A 30 -1.66 25.39 -12.57
C HIS A 30 -1.46 24.70 -13.92
N PRO A 31 -2.53 24.11 -14.45
CA PRO A 31 -2.49 23.41 -15.74
C PRO A 31 -2.32 24.38 -16.91
N ALA A 32 -2.21 23.82 -18.11
CA ALA A 32 -2.06 24.64 -19.32
C ALA A 32 -3.31 25.47 -19.58
N ARG A 33 -3.23 26.35 -20.58
CA ARG A 33 -4.36 27.20 -20.93
C ARG A 33 -4.07 27.98 -22.22
N PHE A 34 -5.09 28.63 -22.75
CA PHE A 34 -4.95 29.41 -23.98
C PHE A 34 -3.89 30.51 -23.81
N SER A 35 -2.79 30.37 -24.55
CA SER A 35 -1.71 31.34 -24.47
C SER A 35 -0.60 30.98 -25.46
N PRO A 36 -0.89 31.16 -26.76
CA PRO A 36 0.07 30.87 -27.84
C PRO A 36 1.23 31.85 -27.86
N ASP A 37 0.91 33.13 -27.76
CA ASP A 37 1.93 34.18 -27.77
C ASP A 37 1.41 35.46 -27.13
N ASP A 38 2.28 36.44 -26.97
CA ASP A 38 1.91 37.71 -26.37
C ASP A 38 1.32 38.67 -27.42
N LYS A 39 1.67 38.42 -28.67
CA LYS A 39 1.18 39.24 -29.77
C LYS A 39 -0.18 38.75 -30.26
N TYR A 40 -0.73 37.76 -29.57
CA TYR A 40 -2.03 37.20 -29.93
C TYR A 40 -3.09 38.29 -29.99
N SER A 41 -2.88 39.36 -29.25
CA SER A 41 -3.83 40.48 -29.22
C SER A 41 -4.16 40.95 -30.62
N ARG A 42 -5.18 41.80 -30.74
CA ARG A 42 -5.60 42.32 -32.02
C ARG A 42 -4.67 43.44 -32.49
N GLN A 43 -3.89 43.98 -31.56
CA GLN A 43 -2.96 45.05 -31.87
C GLN A 43 -2.08 44.67 -33.06
N ARG A 44 -1.82 43.38 -33.22
CA ARG A 44 -0.99 42.89 -34.32
C ARG A 44 -1.53 43.37 -35.66
N VAL A 45 -2.84 43.57 -35.74
CA VAL A 45 -3.48 44.03 -36.96
C VAL A 45 -3.23 45.51 -37.19
N THR A 46 -3.33 46.30 -36.12
CA THR A 46 -3.12 47.74 -36.20
C THR A 46 -1.68 48.06 -36.58
N LEU A 47 -1.47 48.42 -37.84
CA LEU A 47 -0.13 48.75 -38.33
C LEU A 47 0.49 49.86 -37.50
N LYS A 48 0.02 51.09 -37.70
CA LYS A 48 0.53 52.23 -36.95
C LYS A 48 2.05 52.28 -37.00
N LYS A 49 2.62 51.90 -38.15
CA LYS A 49 4.06 51.91 -38.33
C LYS A 49 4.48 52.94 -39.38
N ARG A 50 3.57 53.24 -40.31
CA ARG A 50 3.85 54.20 -41.36
C ARG A 50 4.35 55.52 -40.78
N PHE A 51 4.93 56.36 -41.63
CA PHE A 51 5.45 57.65 -41.19
C PHE A 51 4.72 58.79 -41.90
N GLY A 52 4.01 59.60 -41.12
CA GLY A 52 3.28 60.72 -41.69
C GLY A 52 4.19 61.78 -42.25
N LEU A 53 5.29 62.06 -41.54
CA LEU A 53 6.26 63.05 -41.99
C LEU A 53 7.62 62.43 -42.24
N VAL A 54 8.29 62.89 -43.29
CA VAL A 54 9.61 62.37 -43.64
C VAL A 54 10.54 63.49 -44.09
N PRO A 55 10.94 64.35 -43.13
CA PRO A 55 11.84 65.48 -43.40
C PRO A 55 13.25 65.03 -43.73
N GLY A 56 13.57 63.78 -43.38
CA GLY A 56 14.89 63.25 -43.66
C GLY A 56 14.96 61.75 -43.49
N GLN A 57 15.43 61.30 -42.33
CA GLN A 57 15.56 59.88 -42.04
C GLN A 57 14.22 59.17 -42.25
N HIS A 1 -17.74 4.38 2.39
CA HIS A 1 -16.66 3.57 1.84
C HIS A 1 -17.06 2.10 1.78
N LEU A 2 -17.34 1.62 0.57
CA LEU A 2 -17.74 0.23 0.37
C LEU A 2 -16.60 -0.71 0.71
N MET A 3 -16.94 -1.87 1.28
CA MET A 3 -15.94 -2.86 1.66
C MET A 3 -16.05 -4.10 0.77
N TYR A 4 -16.64 -3.93 -0.41
CA TYR A 4 -16.82 -5.03 -1.35
C TYR A 4 -16.95 -4.52 -2.78
N THR A 5 -16.07 -5.00 -3.66
CA THR A 5 -16.08 -4.59 -5.06
C THR A 5 -17.14 -5.36 -5.84
N LEU A 6 -17.72 -4.70 -6.84
CA LEU A 6 -18.74 -5.31 -7.68
C LEU A 6 -18.14 -5.85 -8.97
N GLY A 7 -18.85 -6.75 -9.62
CA GLY A 7 -18.38 -7.32 -10.87
C GLY A 7 -18.93 -6.61 -12.08
N PRO A 8 -18.64 -7.14 -13.28
CA PRO A 8 -19.10 -6.56 -14.54
C PRO A 8 -20.60 -6.73 -14.74
N ASP A 9 -21.21 -7.61 -13.94
CA ASP A 9 -22.64 -7.87 -14.03
C ASP A 9 -23.37 -7.30 -12.81
N GLY A 10 -22.62 -7.09 -11.73
CA GLY A 10 -23.21 -6.55 -10.51
C GLY A 10 -23.05 -7.49 -9.32
N LYS A 11 -22.13 -8.44 -9.44
CA LYS A 11 -21.87 -9.40 -8.38
C LYS A 11 -21.03 -8.78 -7.28
N ARG A 12 -21.53 -8.84 -6.04
CA ARG A 12 -20.81 -8.29 -4.90
C ARG A 12 -19.62 -9.16 -4.54
N ILE A 13 -18.55 -8.54 -4.05
CA ILE A 13 -17.34 -9.25 -3.66
C ILE A 13 -16.73 -8.66 -2.40
N TYR A 14 -17.00 -9.30 -1.26
CA TYR A 14 -16.48 -8.83 0.02
C TYR A 14 -14.99 -9.13 0.14
N THR A 15 -14.16 -8.12 -0.05
CA THR A 15 -12.71 -8.28 0.04
C THR A 15 -12.08 -7.11 0.78
N LEU A 16 -12.92 -6.28 1.39
CA LEU A 16 -12.43 -5.13 2.14
C LEU A 16 -11.47 -4.30 1.31
N LYS A 17 -11.81 -4.08 0.04
CA LYS A 17 -10.98 -3.29 -0.86
C LYS A 17 -10.62 -1.95 -0.24
N LYS A 18 -11.62 -1.09 -0.09
CA LYS A 18 -11.40 0.23 0.50
C LYS A 18 -10.84 0.11 1.91
N VAL A 19 -10.49 1.25 2.50
CA VAL A 19 -9.93 1.28 3.85
C VAL A 19 -10.95 1.85 4.84
N THR A 20 -10.87 1.39 6.09
CA THR A 20 -11.77 1.85 7.14
C THR A 20 -11.01 2.59 8.23
N GLU A 21 -11.76 3.15 9.17
CA GLU A 21 -11.15 3.89 10.28
C GLU A 21 -10.86 2.96 11.45
N SER A 22 -9.70 3.15 12.07
CA SER A 22 -9.28 2.33 13.20
C SER A 22 -9.89 2.85 14.50
N GLY A 23 -9.77 4.15 14.72
CA GLY A 23 -10.32 4.76 15.92
C GLY A 23 -10.28 6.27 15.88
N GLU A 24 -9.08 6.84 15.95
CA GLU A 24 -8.91 8.28 15.92
C GLU A 24 -9.19 8.83 14.52
N ILE A 25 -9.51 10.12 14.45
CA ILE A 25 -9.78 10.77 13.18
C ILE A 25 -8.67 11.74 12.79
N THR A 26 -8.41 11.84 11.49
CA THR A 26 -7.37 12.73 10.99
C THR A 26 -7.97 13.94 10.30
N LYS A 27 -7.57 15.14 10.73
CA LYS A 27 -8.07 16.38 10.15
C LYS A 27 -7.01 17.05 9.30
N SER A 28 -5.74 16.78 9.63
CA SER A 28 -4.62 17.36 8.90
C SER A 28 -4.11 16.40 7.83
N ALA A 29 -5.03 15.63 7.25
CA ALA A 29 -4.66 14.67 6.21
C ALA A 29 -5.30 15.04 4.88
N HIS A 30 -4.52 14.94 3.80
CA HIS A 30 -5.01 15.26 2.47
C HIS A 30 -5.51 16.70 2.41
N PRO A 31 -4.57 17.65 2.43
CA PRO A 31 -4.89 19.09 2.37
C PRO A 31 -5.42 19.51 1.01
N ALA A 32 -5.61 20.81 0.83
CA ALA A 32 -6.12 21.34 -0.44
C ALA A 32 -5.09 21.17 -1.55
N ARG A 33 -3.83 21.50 -1.25
CA ARG A 33 -2.76 21.39 -2.24
C ARG A 33 -1.42 21.74 -1.62
N PHE A 34 -0.35 21.57 -2.40
CA PHE A 34 0.99 21.89 -1.92
C PHE A 34 1.91 22.23 -3.09
N SER A 35 2.76 23.24 -2.88
CA SER A 35 3.70 23.67 -3.92
C SER A 35 4.77 22.62 -4.17
N PRO A 36 5.43 22.70 -5.33
CA PRO A 36 6.49 21.77 -5.71
C PRO A 36 7.75 21.95 -4.87
N ASP A 37 8.09 23.20 -4.61
CA ASP A 37 9.28 23.51 -3.81
C ASP A 37 8.99 23.37 -2.33
N ASP A 38 9.58 22.34 -1.71
CA ASP A 38 9.39 22.10 -0.28
C ASP A 38 10.36 22.93 0.55
N LYS A 39 11.47 23.34 -0.06
CA LYS A 39 12.47 24.14 0.61
C LYS A 39 12.00 25.59 0.77
N TYR A 40 10.86 25.89 0.16
CA TYR A 40 10.31 27.24 0.23
C TYR A 40 10.22 27.73 1.68
N SER A 41 10.03 26.78 2.60
CA SER A 41 9.92 27.10 4.01
C SER A 41 11.26 27.53 4.58
N ARG A 42 12.30 26.77 4.26
CA ARG A 42 13.65 27.06 4.73
C ARG A 42 14.33 28.08 3.83
N GLN A 43 13.60 28.57 2.83
CA GLN A 43 14.14 29.55 1.90
C GLN A 43 14.74 30.73 2.65
N ARG A 44 14.14 31.09 3.77
CA ARG A 44 14.62 32.20 4.58
C ARG A 44 15.93 31.84 5.28
N VAL A 45 15.90 30.79 6.09
CA VAL A 45 17.08 30.34 6.81
C VAL A 45 18.22 30.03 5.86
N THR A 46 17.89 29.63 4.63
CA THR A 46 18.88 29.30 3.62
C THR A 46 19.75 30.52 3.29
N LEU A 47 19.10 31.67 3.16
CA LEU A 47 19.80 32.90 2.83
C LEU A 47 19.03 34.12 3.32
N LYS A 48 19.68 34.94 4.15
CA LYS A 48 19.05 36.14 4.69
C LYS A 48 19.39 37.36 3.84
N LYS A 49 18.37 38.13 3.47
CA LYS A 49 18.56 39.33 2.67
C LYS A 49 18.37 40.58 3.51
N ARG A 50 17.48 40.50 4.50
CA ARG A 50 17.20 41.63 5.38
C ARG A 50 18.50 42.20 5.95
N PHE A 51 19.32 41.33 6.51
CA PHE A 51 20.59 41.76 7.10
C PHE A 51 21.74 41.53 6.14
N GLY A 52 21.63 40.49 5.32
CA GLY A 52 22.66 40.18 4.35
C GLY A 52 23.82 39.41 4.97
N LEU A 53 24.65 40.11 5.74
CA LEU A 53 25.79 39.48 6.40
C LEU A 53 25.50 39.22 7.87
N VAL A 54 26.48 38.65 8.57
CA VAL A 54 26.35 38.36 9.99
C VAL A 54 27.33 39.17 10.82
N PRO A 55 27.09 40.49 10.92
CA PRO A 55 27.93 41.40 11.69
C PRO A 55 27.84 41.16 13.19
N GLY A 56 28.94 41.42 13.89
CA GLY A 56 28.96 41.22 15.33
C GLY A 56 28.74 42.52 16.09
N GLN A 57 29.69 43.44 15.99
CA GLN A 57 29.60 44.72 16.67
C GLN A 57 28.88 45.75 15.80
N HIS A 1 -17.38 4.37 -0.03
CA HIS A 1 -17.02 3.81 1.27
C HIS A 1 -17.51 2.38 1.40
N LEU A 2 -17.67 1.70 0.27
CA LEU A 2 -18.13 0.33 0.25
C LEU A 2 -17.03 -0.63 0.68
N MET A 3 -17.41 -1.68 1.41
CA MET A 3 -16.44 -2.66 1.89
C MET A 3 -16.45 -3.90 0.99
N TYR A 4 -16.85 -3.71 -0.27
CA TYR A 4 -16.90 -4.81 -1.23
C TYR A 4 -17.03 -4.29 -2.65
N THR A 5 -16.17 -4.78 -3.53
CA THR A 5 -16.17 -4.37 -4.93
C THR A 5 -17.24 -5.12 -5.71
N LEU A 6 -17.70 -4.51 -6.82
CA LEU A 6 -18.71 -5.12 -7.66
C LEU A 6 -18.10 -5.71 -8.93
N GLY A 7 -18.77 -6.68 -9.52
CA GLY A 7 -18.27 -7.30 -10.73
C GLY A 7 -18.86 -6.68 -11.98
N PRO A 8 -18.46 -7.20 -13.15
CA PRO A 8 -18.94 -6.71 -14.45
C PRO A 8 -20.41 -7.04 -14.69
N ASP A 9 -20.98 -7.86 -13.81
CA ASP A 9 -22.38 -8.26 -13.92
C ASP A 9 -23.23 -7.55 -12.88
N GLY A 10 -22.59 -7.05 -11.82
CA GLY A 10 -23.31 -6.35 -10.78
C GLY A 10 -23.28 -7.11 -9.46
N LYS A 11 -22.57 -8.23 -9.43
CA LYS A 11 -22.47 -9.04 -8.22
C LYS A 11 -21.53 -8.41 -7.22
N ARG A 12 -21.60 -8.86 -5.97
CA ARG A 12 -20.75 -8.35 -4.91
C ARG A 12 -19.70 -9.37 -4.49
N ILE A 13 -18.51 -8.90 -4.15
CA ILE A 13 -17.42 -9.77 -3.74
C ILE A 13 -16.58 -9.13 -2.64
N TYR A 14 -16.81 -9.56 -1.40
CA TYR A 14 -16.06 -9.02 -0.27
C TYR A 14 -14.55 -9.09 -0.51
N THR A 15 -13.94 -7.93 -0.72
CA THR A 15 -12.51 -7.87 -0.97
C THR A 15 -11.93 -6.53 -0.51
N LEU A 16 -12.57 -5.93 0.48
CA LEU A 16 -12.12 -4.64 1.01
C LEU A 16 -10.64 -4.68 1.35
N LYS A 17 -10.16 -5.86 1.75
CA LYS A 17 -8.75 -6.02 2.11
C LYS A 17 -7.86 -5.85 0.88
N LYS A 18 -7.22 -4.69 0.78
CA LYS A 18 -6.34 -4.40 -0.34
C LYS A 18 -5.29 -5.50 -0.51
N VAL A 19 -5.03 -5.86 -1.76
CA VAL A 19 -4.05 -6.90 -2.06
C VAL A 19 -2.65 -6.48 -1.61
N THR A 20 -1.92 -7.41 -1.00
CA THR A 20 -0.58 -7.14 -0.53
C THR A 20 0.45 -7.31 -1.65
N GLU A 21 0.60 -8.56 -2.12
CA GLU A 21 1.53 -8.85 -3.20
C GLU A 21 1.08 -8.22 -4.51
N SER A 22 1.95 -7.42 -5.11
CA SER A 22 1.64 -6.75 -6.36
C SER A 22 2.12 -7.58 -7.55
N GLY A 23 3.21 -8.32 -7.35
CA GLY A 23 3.75 -9.14 -8.41
C GLY A 23 4.98 -8.54 -9.06
N GLU A 24 4.77 -7.52 -9.89
CA GLU A 24 5.86 -6.85 -10.58
C GLU A 24 5.62 -5.35 -10.65
N ILE A 25 6.70 -4.59 -10.81
CA ILE A 25 6.60 -3.14 -10.91
C ILE A 25 7.15 -2.63 -12.24
N THR A 26 6.40 -1.76 -12.89
CA THR A 26 6.81 -1.19 -14.18
C THR A 26 7.12 0.29 -14.05
N LYS A 27 7.92 0.80 -14.99
CA LYS A 27 8.29 2.21 -14.98
C LYS A 27 8.33 2.76 -16.41
N SER A 28 8.37 4.09 -16.51
CA SER A 28 8.41 4.75 -17.82
C SER A 28 9.77 5.39 -18.07
N ALA A 29 10.08 5.64 -19.33
CA ALA A 29 11.35 6.25 -19.69
C ALA A 29 11.15 7.71 -20.10
N HIS A 30 12.23 8.49 -20.03
CA HIS A 30 12.17 9.91 -20.39
C HIS A 30 13.57 10.52 -20.42
N PRO A 31 14.36 10.13 -21.42
CA PRO A 31 15.73 10.63 -21.58
C PRO A 31 15.77 12.11 -21.98
N ALA A 32 14.67 12.59 -22.54
CA ALA A 32 14.58 13.98 -22.96
C ALA A 32 13.60 14.76 -22.08
N ARG A 33 14.11 15.76 -21.37
CA ARG A 33 13.28 16.58 -20.49
C ARG A 33 14.10 17.70 -19.86
N PHE A 34 13.57 18.92 -19.94
CA PHE A 34 14.25 20.08 -19.37
C PHE A 34 13.86 20.29 -17.91
N SER A 35 12.57 20.38 -17.65
CA SER A 35 12.06 20.58 -16.29
C SER A 35 10.54 20.50 -16.27
N PRO A 36 10.02 19.27 -16.41
CA PRO A 36 8.57 19.03 -16.40
C PRO A 36 7.96 19.22 -15.02
N ASP A 37 8.60 18.64 -14.01
CA ASP A 37 8.12 18.74 -12.64
C ASP A 37 6.75 18.09 -12.48
N ASP A 38 6.38 17.28 -13.47
CA ASP A 38 5.09 16.57 -13.45
C ASP A 38 5.11 15.44 -12.43
N LYS A 39 6.31 14.96 -12.09
CA LYS A 39 6.47 13.88 -11.14
C LYS A 39 6.37 14.40 -9.71
N TYR A 40 6.20 15.71 -9.57
CA TYR A 40 6.10 16.34 -8.26
C TYR A 40 5.03 15.64 -7.41
N SER A 41 4.02 15.10 -8.08
CA SER A 41 2.94 14.41 -7.39
C SER A 41 3.19 12.90 -7.34
N ARG A 42 2.64 12.25 -6.32
CA ARG A 42 2.80 10.81 -6.16
C ARG A 42 1.78 10.04 -6.99
N GLN A 43 0.66 10.69 -7.28
CA GLN A 43 -0.39 10.07 -8.07
C GLN A 43 0.17 9.51 -9.37
N ARG A 44 1.22 10.14 -9.89
CA ARG A 44 1.84 9.70 -11.13
C ARG A 44 2.18 8.22 -11.08
N VAL A 45 2.47 7.73 -9.87
CA VAL A 45 2.80 6.32 -9.68
C VAL A 45 1.56 5.44 -9.76
N THR A 46 0.47 5.91 -9.16
CA THR A 46 -0.77 5.17 -9.15
C THR A 46 -1.19 4.78 -10.57
N LEU A 47 -1.22 3.48 -10.84
CA LEU A 47 -1.60 2.99 -12.16
C LEU A 47 -3.02 3.43 -12.53
N LYS A 48 -3.12 4.22 -13.59
CA LYS A 48 -4.42 4.71 -14.04
C LYS A 48 -5.31 3.56 -14.49
N LYS A 49 -6.44 3.40 -13.83
CA LYS A 49 -7.39 2.34 -14.17
C LYS A 49 -8.24 2.73 -15.38
N ARG A 50 -8.40 4.03 -15.57
CA ARG A 50 -9.19 4.54 -16.70
C ARG A 50 -8.72 3.92 -18.01
N PHE A 51 -7.48 4.21 -18.38
CA PHE A 51 -6.92 3.69 -19.62
C PHE A 51 -6.99 2.17 -19.65
N GLY A 52 -7.91 1.64 -20.44
CA GLY A 52 -8.07 0.20 -20.55
C GLY A 52 -8.46 -0.24 -21.94
N LEU A 53 -8.07 0.54 -22.94
CA LEU A 53 -8.39 0.23 -24.32
C LEU A 53 -7.26 -0.57 -24.98
N VAL A 54 -7.61 -1.41 -25.93
CA VAL A 54 -6.65 -2.24 -26.64
C VAL A 54 -6.88 -2.22 -28.14
N PRO A 55 -6.60 -1.08 -28.77
CA PRO A 55 -6.78 -0.91 -30.22
C PRO A 55 -5.78 -1.72 -31.03
N GLY A 56 -4.67 -2.09 -30.39
CA GLY A 56 -3.65 -2.87 -31.07
C GLY A 56 -3.25 -4.10 -30.29
N GLN A 57 -2.22 -3.96 -29.46
CA GLN A 57 -1.73 -5.08 -28.65
C GLN A 57 -1.63 -4.68 -27.19
N HIS A 1 -17.08 4.31 -0.32
CA HIS A 1 -17.27 3.94 1.08
C HIS A 1 -17.91 2.56 1.21
N LEU A 2 -17.70 1.72 0.19
CA LEU A 2 -18.25 0.37 0.19
C LEU A 2 -17.23 -0.63 0.71
N MET A 3 -17.71 -1.64 1.42
CA MET A 3 -16.84 -2.68 1.97
C MET A 3 -16.85 -3.93 1.09
N TYR A 4 -17.14 -3.74 -0.19
CA TYR A 4 -17.19 -4.85 -1.13
C TYR A 4 -17.17 -4.34 -2.58
N THR A 5 -16.35 -4.96 -3.41
CA THR A 5 -16.24 -4.57 -4.81
C THR A 5 -17.37 -5.15 -5.63
N LEU A 6 -17.56 -4.63 -6.83
CA LEU A 6 -18.62 -5.10 -7.72
C LEU A 6 -18.03 -5.81 -8.94
N GLY A 7 -18.80 -6.73 -9.51
CA GLY A 7 -18.34 -7.47 -10.68
C GLY A 7 -18.81 -6.85 -11.98
N PRO A 8 -18.70 -7.61 -13.08
CA PRO A 8 -19.13 -7.14 -14.39
C PRO A 8 -20.64 -7.03 -14.52
N ASP A 9 -21.36 -7.91 -13.83
CA ASP A 9 -22.81 -7.91 -13.86
C ASP A 9 -23.38 -7.43 -12.53
N GLY A 10 -22.58 -6.67 -11.79
CA GLY A 10 -23.03 -6.17 -10.50
C GLY A 10 -22.96 -7.23 -9.41
N LYS A 11 -21.99 -8.13 -9.53
CA LYS A 11 -21.82 -9.19 -8.55
C LYS A 11 -20.91 -8.74 -7.41
N ARG A 12 -21.49 -8.59 -6.22
CA ARG A 12 -20.75 -8.16 -5.05
C ARG A 12 -19.62 -9.14 -4.73
N ILE A 13 -18.50 -8.62 -4.24
CA ILE A 13 -17.36 -9.44 -3.89
C ILE A 13 -16.63 -8.89 -2.68
N TYR A 14 -16.83 -9.54 -1.53
CA TYR A 14 -16.18 -9.12 -0.30
C TYR A 14 -14.67 -9.12 -0.44
N THR A 15 -14.08 -7.92 -0.54
CA THR A 15 -12.64 -7.79 -0.68
C THR A 15 -12.16 -6.48 -0.07
N LEU A 16 -12.91 -5.97 0.89
CA LEU A 16 -12.55 -4.71 1.56
C LEU A 16 -11.11 -4.77 2.06
N LYS A 17 -10.39 -3.66 1.89
CA LYS A 17 -9.00 -3.58 2.33
C LYS A 17 -8.89 -3.85 3.83
N LYS A 18 -9.91 -3.47 4.58
CA LYS A 18 -9.92 -3.68 6.02
C LYS A 18 -9.83 -5.16 6.36
N VAL A 19 -8.99 -5.50 7.33
CA VAL A 19 -8.81 -6.89 7.75
C VAL A 19 -9.03 -7.05 9.24
N THR A 20 -9.77 -8.08 9.63
CA THR A 20 -10.06 -8.34 11.03
C THR A 20 -8.78 -8.53 11.83
N GLU A 21 -7.80 -9.18 11.21
CA GLU A 21 -6.51 -9.42 11.87
C GLU A 21 -5.81 -8.11 12.20
N SER A 22 -4.99 -8.13 13.25
CA SER A 22 -4.27 -6.95 13.68
C SER A 22 -3.09 -6.66 12.74
N GLY A 23 -2.39 -7.72 12.34
CA GLY A 23 -1.26 -7.55 11.45
C GLY A 23 -0.03 -8.29 11.93
N GLU A 24 0.53 -7.83 13.06
CA GLU A 24 1.72 -8.45 13.63
C GLU A 24 1.47 -9.93 13.91
N ILE A 25 2.24 -10.79 13.24
CA ILE A 25 2.11 -12.23 13.42
C ILE A 25 3.03 -12.72 14.54
N THR A 26 4.18 -12.08 14.68
CA THR A 26 5.14 -12.45 15.71
C THR A 26 5.77 -11.22 16.36
N LYS A 27 5.78 -11.20 17.69
CA LYS A 27 6.36 -10.08 18.43
C LYS A 27 7.77 -10.40 18.88
N SER A 28 8.71 -9.53 18.54
CA SER A 28 10.11 -9.71 18.91
C SER A 28 10.50 -8.78 20.06
N ALA A 29 9.52 -8.40 20.86
CA ALA A 29 9.75 -7.50 21.99
C ALA A 29 9.79 -8.28 23.31
N HIS A 30 10.57 -7.78 24.26
CA HIS A 30 10.70 -8.43 25.57
C HIS A 30 11.35 -9.81 25.42
N PRO A 31 12.01 -10.26 26.49
CA PRO A 31 12.68 -11.56 26.52
C PRO A 31 11.70 -12.73 26.50
N ALA A 32 12.22 -13.94 26.61
CA ALA A 32 11.39 -15.14 26.62
C ALA A 32 10.34 -15.07 27.72
N ARG A 33 9.16 -15.62 27.44
CA ARG A 33 8.07 -15.62 28.41
C ARG A 33 8.52 -16.23 29.73
N PHE A 34 8.61 -15.40 30.77
CA PHE A 34 9.03 -15.85 32.09
C PHE A 34 8.14 -16.97 32.58
N SER A 35 8.61 -17.70 33.59
CA SER A 35 7.86 -18.81 34.17
C SER A 35 6.77 -18.30 35.11
N PRO A 36 5.78 -19.15 35.39
CA PRO A 36 4.67 -18.82 36.28
C PRO A 36 5.10 -18.72 37.74
N ASP A 37 6.18 -19.42 38.08
CA ASP A 37 6.70 -19.42 39.43
C ASP A 37 7.84 -18.40 39.58
N ASP A 38 7.99 -17.55 38.57
CA ASP A 38 9.04 -16.54 38.58
C ASP A 38 8.58 -15.29 39.34
N LYS A 39 7.27 -15.11 39.43
CA LYS A 39 6.71 -13.97 40.14
C LYS A 39 7.10 -13.98 41.61
N TYR A 40 7.53 -15.13 42.09
CA TYR A 40 7.94 -15.27 43.49
C TYR A 40 8.96 -14.20 43.87
N SER A 41 9.75 -13.77 42.88
CA SER A 41 10.77 -12.75 43.12
C SER A 41 10.32 -11.40 42.56
N ARG A 42 9.48 -11.44 41.53
CA ARG A 42 8.99 -10.23 40.90
C ARG A 42 8.39 -9.28 41.94
N GLN A 43 7.22 -9.65 42.45
CA GLN A 43 6.55 -8.83 43.46
C GLN A 43 7.48 -8.51 44.62
N ARG A 44 8.41 -9.41 44.90
CA ARG A 44 9.37 -9.22 45.98
C ARG A 44 10.08 -7.89 45.85
N VAL A 45 10.68 -7.64 44.69
CA VAL A 45 11.40 -6.41 44.43
C VAL A 45 10.43 -5.26 44.15
N THR A 46 9.28 -5.60 43.58
CA THR A 46 8.27 -4.61 43.25
C THR A 46 7.78 -3.87 44.49
N LEU A 47 7.92 -2.55 44.49
CA LEU A 47 7.50 -1.74 45.62
C LEU A 47 6.00 -1.90 45.89
N LYS A 48 5.65 -2.24 47.12
CA LYS A 48 4.27 -2.42 47.51
C LYS A 48 3.66 -1.11 48.02
N LYS A 49 4.52 -0.24 48.52
CA LYS A 49 4.08 1.05 49.03
C LYS A 49 2.94 0.88 50.05
N ARG A 50 2.96 -0.26 50.74
CA ARG A 50 1.93 -0.55 51.74
C ARG A 50 0.54 -0.37 51.16
N PHE A 51 0.40 -0.65 49.87
CA PHE A 51 -0.89 -0.51 49.19
C PHE A 51 -1.92 -1.46 49.79
N GLY A 52 -1.44 -2.54 50.39
CA GLY A 52 -2.33 -3.52 50.99
C GLY A 52 -2.88 -3.05 52.32
N LEU A 53 -3.62 -1.94 52.30
CA LEU A 53 -4.21 -1.40 53.51
C LEU A 53 -5.70 -1.71 53.59
N VAL A 54 -6.11 -2.80 52.95
CA VAL A 54 -7.50 -3.23 52.95
C VAL A 54 -8.42 -2.07 52.53
N PRO A 55 -8.32 -1.69 51.24
CA PRO A 55 -9.13 -0.60 50.69
C PRO A 55 -10.61 -0.99 50.56
N GLY A 56 -10.87 -2.29 50.44
CA GLY A 56 -12.23 -2.76 50.33
C GLY A 56 -12.33 -4.06 49.57
N GLN A 57 -12.34 -5.18 50.29
CA GLN A 57 -12.43 -6.49 49.68
C GLN A 57 -13.73 -6.65 48.92
N HIS A 1 -15.56 4.90 0.06
CA HIS A 1 -15.27 3.61 -0.55
C HIS A 1 -16.06 2.50 0.13
N LEU A 2 -16.68 1.65 -0.68
CA LEU A 2 -17.47 0.53 -0.16
C LEU A 2 -16.57 -0.54 0.44
N MET A 3 -17.17 -1.53 1.09
CA MET A 3 -16.43 -2.62 1.69
C MET A 3 -16.57 -3.90 0.87
N TYR A 4 -16.90 -3.75 -0.40
CA TYR A 4 -17.07 -4.89 -1.29
C TYR A 4 -17.03 -4.45 -2.75
N THR A 5 -16.14 -5.06 -3.52
CA THR A 5 -15.99 -4.74 -4.93
C THR A 5 -17.06 -5.44 -5.77
N LEU A 6 -17.60 -4.73 -6.75
CA LEU A 6 -18.63 -5.28 -7.62
C LEU A 6 -18.02 -5.82 -8.91
N GLY A 7 -18.77 -6.67 -9.61
CA GLY A 7 -18.28 -7.24 -10.85
C GLY A 7 -18.91 -6.59 -12.07
N PRO A 8 -18.71 -7.21 -13.24
CA PRO A 8 -19.26 -6.71 -14.51
C PRO A 8 -20.77 -6.85 -14.58
N ASP A 9 -21.30 -7.83 -13.85
CA ASP A 9 -22.74 -8.08 -13.84
C ASP A 9 -23.35 -7.67 -12.49
N GLY A 10 -22.68 -6.76 -11.80
CA GLY A 10 -23.16 -6.31 -10.51
C GLY A 10 -23.00 -7.36 -9.43
N LYS A 11 -21.97 -8.19 -9.56
CA LYS A 11 -21.71 -9.24 -8.58
C LYS A 11 -20.89 -8.71 -7.41
N ARG A 12 -21.48 -8.76 -6.22
CA ARG A 12 -20.80 -8.28 -5.02
C ARG A 12 -19.65 -9.21 -4.62
N ILE A 13 -18.58 -8.62 -4.10
CA ILE A 13 -17.42 -9.39 -3.69
C ILE A 13 -16.78 -8.80 -2.45
N TYR A 14 -16.97 -9.45 -1.31
CA TYR A 14 -16.41 -8.99 -0.05
C TYR A 14 -14.89 -8.88 -0.13
N THR A 15 -14.40 -7.66 -0.33
CA THR A 15 -12.97 -7.42 -0.42
C THR A 15 -12.53 -6.28 0.49
N LEU A 16 -13.29 -6.07 1.56
CA LEU A 16 -12.99 -5.01 2.52
C LEU A 16 -11.57 -5.17 3.06
N LYS A 17 -11.07 -6.39 3.06
CA LYS A 17 -9.72 -6.68 3.55
C LYS A 17 -8.70 -5.79 2.85
N LYS A 18 -9.01 -5.38 1.63
CA LYS A 18 -8.11 -4.52 0.85
C LYS A 18 -7.69 -3.30 1.67
N VAL A 19 -8.58 -2.85 2.54
CA VAL A 19 -8.30 -1.69 3.38
C VAL A 19 -8.53 -2.01 4.86
N THR A 20 -7.77 -1.34 5.72
CA THR A 20 -7.89 -1.55 7.16
C THR A 20 -8.75 -0.47 7.81
N GLU A 21 -8.99 -0.62 9.11
CA GLU A 21 -9.80 0.35 9.85
C GLU A 21 -9.30 1.77 9.62
N SER A 22 -10.16 2.74 9.90
CA SER A 22 -9.80 4.15 9.73
C SER A 22 -9.78 4.88 11.06
N GLY A 23 -8.71 4.67 11.82
CA GLY A 23 -8.58 5.31 13.12
C GLY A 23 -8.97 4.40 14.26
N GLU A 24 -8.01 4.12 15.14
CA GLU A 24 -8.26 3.24 16.28
C GLU A 24 -8.12 4.01 17.59
N ILE A 25 -8.56 3.40 18.68
CA ILE A 25 -8.49 4.02 20.00
C ILE A 25 -7.93 3.05 21.04
N THR A 26 -7.18 3.60 21.99
CA THR A 26 -6.58 2.80 23.04
C THR A 26 -6.71 3.46 24.41
N LYS A 27 -6.52 2.70 25.47
CA LYS A 27 -6.61 3.22 26.82
C LYS A 27 -5.28 3.80 27.27
N SER A 28 -5.26 4.37 28.47
CA SER A 28 -4.04 4.97 29.03
C SER A 28 -4.08 4.96 30.55
N ALA A 29 -2.90 4.96 31.16
CA ALA A 29 -2.78 4.95 32.61
C ALA A 29 -1.52 5.67 33.08
N HIS A 30 -1.57 6.22 34.29
CA HIS A 30 -0.43 6.94 34.84
C HIS A 30 -0.58 7.11 36.35
N PRO A 31 -0.49 5.98 37.08
CA PRO A 31 -0.61 5.99 38.55
C PRO A 31 0.58 6.65 39.22
N ALA A 32 0.50 6.79 40.54
CA ALA A 32 1.58 7.39 41.31
C ALA A 32 2.60 6.35 41.77
N ARG A 33 3.87 6.62 41.50
CA ARG A 33 4.94 5.69 41.88
C ARG A 33 6.29 6.41 41.90
N PHE A 34 7.33 5.68 42.29
CA PHE A 34 8.67 6.25 42.36
C PHE A 34 9.48 5.87 41.13
N SER A 35 10.37 6.76 40.71
CA SER A 35 11.21 6.53 39.55
C SER A 35 12.12 5.33 39.76
N PRO A 36 12.63 4.77 38.65
CA PRO A 36 13.52 3.61 38.69
C PRO A 36 14.89 3.95 39.27
N ASP A 37 15.27 5.22 39.16
CA ASP A 37 16.55 5.67 39.68
C ASP A 37 16.42 6.19 41.11
N ASP A 38 15.28 5.90 41.73
CA ASP A 38 15.03 6.33 43.10
C ASP A 38 15.62 5.34 44.09
N LYS A 39 15.81 4.10 43.65
CA LYS A 39 16.37 3.06 44.51
C LYS A 39 17.87 3.22 44.66
N TYR A 40 18.43 4.19 43.94
CA TYR A 40 19.87 4.45 43.99
C TYR A 40 20.34 4.61 45.43
N SER A 41 19.45 5.11 46.28
CA SER A 41 19.78 5.31 47.69
C SER A 41 18.51 5.41 48.54
N ARG A 42 18.31 4.42 49.40
CA ARG A 42 17.14 4.39 50.26
C ARG A 42 17.36 5.22 51.51
N GLN A 43 18.63 5.34 51.91
CA GLN A 43 18.98 6.11 53.10
C GLN A 43 18.44 7.53 53.02
N ARG A 44 18.26 8.01 51.79
CA ARG A 44 17.75 9.36 51.57
C ARG A 44 16.46 9.59 52.35
N VAL A 45 15.69 8.52 52.53
CA VAL A 45 14.43 8.61 53.26
C VAL A 45 14.64 9.19 54.65
N THR A 46 15.82 8.95 55.22
CA THR A 46 16.14 9.45 56.55
C THR A 46 16.10 10.97 56.59
N LEU A 47 15.63 11.50 57.72
CA LEU A 47 15.53 12.95 57.89
C LEU A 47 16.91 13.61 57.76
N LYS A 48 16.91 14.89 57.41
CA LYS A 48 18.15 15.63 57.25
C LYS A 48 18.64 16.16 58.60
N LYS A 49 17.97 17.20 59.10
CA LYS A 49 18.33 17.80 60.38
C LYS A 49 17.11 18.46 61.03
N ARG A 50 16.93 18.20 62.32
CA ARG A 50 15.81 18.76 63.06
C ARG A 50 16.29 19.75 64.11
N PHE A 51 15.62 20.90 64.19
CA PHE A 51 15.99 21.93 65.15
C PHE A 51 14.86 22.18 66.15
N GLY A 52 13.62 21.98 65.69
CA GLY A 52 12.48 22.18 66.55
C GLY A 52 12.16 23.65 66.77
N LEU A 53 12.99 24.32 67.57
CA LEU A 53 12.79 25.73 67.86
C LEU A 53 14.00 26.55 67.42
N VAL A 54 13.83 27.33 66.36
CA VAL A 54 14.92 28.17 65.86
C VAL A 54 15.55 29.00 66.97
N PRO A 55 16.80 29.41 66.76
CA PRO A 55 17.54 30.22 67.73
C PRO A 55 17.00 31.63 67.84
N GLY A 56 17.31 32.30 68.95
CA GLY A 56 16.84 33.66 69.16
C GLY A 56 17.90 34.55 69.78
N GLN A 57 18.25 34.28 71.03
CA GLN A 57 19.26 35.06 71.72
C GLN A 57 20.17 34.16 72.54
N HIS A 1 -16.37 4.82 0.04
CA HIS A 1 -16.37 4.18 1.34
C HIS A 1 -16.99 2.78 1.26
N LEU A 2 -16.85 2.15 0.11
CA LEU A 2 -17.40 0.81 -0.09
C LEU A 2 -16.49 -0.24 0.52
N MET A 3 -17.08 -1.33 0.99
CA MET A 3 -16.33 -2.42 1.59
C MET A 3 -16.51 -3.72 0.81
N TYR A 4 -16.89 -3.59 -0.46
CA TYR A 4 -17.09 -4.75 -1.32
C TYR A 4 -17.04 -4.35 -2.79
N THR A 5 -16.20 -5.04 -3.55
CA THR A 5 -16.04 -4.76 -4.97
C THR A 5 -17.11 -5.49 -5.79
N LEU A 6 -17.65 -4.80 -6.78
CA LEU A 6 -18.68 -5.38 -7.64
C LEU A 6 -18.07 -5.93 -8.92
N GLY A 7 -18.82 -6.80 -9.61
CA GLY A 7 -18.34 -7.38 -10.85
C GLY A 7 -18.86 -6.66 -12.07
N PRO A 8 -18.61 -7.24 -13.25
CA PRO A 8 -19.05 -6.65 -14.52
C PRO A 8 -20.56 -6.72 -14.70
N ASP A 9 -21.20 -7.57 -13.91
CA ASP A 9 -22.65 -7.73 -13.97
C ASP A 9 -23.33 -7.13 -12.74
N GLY A 10 -22.56 -7.01 -11.67
CA GLY A 10 -23.09 -6.45 -10.44
C GLY A 10 -22.99 -7.41 -9.27
N LYS A 11 -22.15 -8.44 -9.43
CA LYS A 11 -21.96 -9.43 -8.38
C LYS A 11 -21.07 -8.89 -7.26
N ARG A 12 -21.64 -8.80 -6.06
CA ARG A 12 -20.89 -8.29 -4.91
C ARG A 12 -19.73 -9.22 -4.57
N ILE A 13 -18.64 -8.64 -4.07
CA ILE A 13 -17.47 -9.42 -3.69
C ILE A 13 -16.75 -8.79 -2.50
N TYR A 14 -16.86 -9.43 -1.34
CA TYR A 14 -16.23 -8.94 -0.12
C TYR A 14 -14.72 -8.80 -0.32
N THR A 15 -14.28 -7.56 -0.58
CA THR A 15 -12.87 -7.29 -0.78
C THR A 15 -12.40 -6.13 0.09
N LEU A 16 -13.09 -5.93 1.20
CA LEU A 16 -12.74 -4.85 2.14
C LEU A 16 -11.30 -5.00 2.61
N LYS A 17 -10.79 -6.22 2.57
CA LYS A 17 -9.41 -6.49 2.99
C LYS A 17 -8.44 -5.54 2.31
N LYS A 18 -8.79 -5.10 1.11
CA LYS A 18 -7.94 -4.20 0.34
C LYS A 18 -7.79 -2.86 1.07
N VAL A 19 -6.66 -2.18 0.83
CA VAL A 19 -6.40 -0.90 1.45
C VAL A 19 -6.87 0.25 0.56
N THR A 20 -7.56 1.23 1.16
CA THR A 20 -8.06 2.38 0.42
C THR A 20 -6.91 3.28 -0.01
N GLU A 21 -6.68 3.35 -1.32
CA GLU A 21 -5.62 4.18 -1.87
C GLU A 21 -6.11 5.60 -2.14
N SER A 22 -5.58 6.56 -1.39
CA SER A 22 -5.98 7.95 -1.54
C SER A 22 -5.05 8.68 -2.51
N GLY A 23 -3.79 8.24 -2.57
CA GLY A 23 -2.83 8.85 -3.45
C GLY A 23 -1.51 9.13 -2.76
N GLU A 24 -0.68 9.97 -3.38
CA GLU A 24 0.62 10.32 -2.82
C GLU A 24 0.46 11.19 -1.58
N ILE A 25 1.02 10.73 -0.47
CA ILE A 25 0.93 11.46 0.79
C ILE A 25 2.19 12.28 1.03
N THR A 26 2.03 13.45 1.65
CA THR A 26 3.15 14.33 1.93
C THR A 26 3.80 13.98 3.26
N LYS A 27 5.03 14.45 3.46
CA LYS A 27 5.76 14.19 4.70
C LYS A 27 5.85 15.45 5.55
N SER A 28 6.36 15.30 6.77
CA SER A 28 6.50 16.42 7.68
C SER A 28 7.97 16.73 7.93
N ALA A 29 8.26 17.98 8.31
CA ALA A 29 9.63 18.41 8.57
C ALA A 29 9.71 19.18 9.88
N HIS A 30 10.87 19.13 10.53
CA HIS A 30 11.08 19.83 11.79
C HIS A 30 11.24 21.33 11.56
N PRO A 31 11.04 22.12 12.63
CA PRO A 31 11.16 23.57 12.56
C PRO A 31 12.60 24.03 12.38
N ALA A 32 12.82 25.35 12.47
CA ALA A 32 14.16 25.90 12.32
C ALA A 32 15.02 25.63 13.54
N ARG A 33 16.07 24.83 13.36
CA ARG A 33 16.96 24.48 14.45
C ARG A 33 17.48 25.74 15.15
N PHE A 34 17.41 25.75 16.49
CA PHE A 34 17.87 26.89 17.27
C PHE A 34 18.49 26.42 18.58
N SER A 35 19.65 27.00 18.90
CA SER A 35 20.37 26.63 20.12
C SER A 35 21.46 27.66 20.43
N PRO A 36 21.05 28.85 20.87
CA PRO A 36 21.97 29.93 21.21
C PRO A 36 22.78 29.63 22.48
N ASP A 37 22.11 29.10 23.49
CA ASP A 37 22.76 28.77 24.75
C ASP A 37 23.88 27.76 24.52
N ASP A 38 25.12 28.24 24.52
CA ASP A 38 26.28 27.39 24.31
C ASP A 38 26.74 26.77 25.63
N LYS A 39 27.06 27.62 26.60
CA LYS A 39 27.51 27.16 27.91
C LYS A 39 26.35 27.10 28.90
N TYR A 40 25.94 28.25 29.41
CA TYR A 40 24.84 28.32 30.36
C TYR A 40 23.58 28.88 29.71
N SER A 41 23.75 29.95 28.94
CA SER A 41 22.63 30.59 28.26
C SER A 41 23.11 31.34 27.02
N ARG A 42 22.22 32.14 26.44
CA ARG A 42 22.55 32.91 25.25
C ARG A 42 23.51 34.05 25.59
N GLN A 43 23.43 34.53 26.82
CA GLN A 43 24.29 35.63 27.27
C GLN A 43 25.76 35.31 26.98
N ARG A 44 26.12 34.04 27.10
CA ARG A 44 27.49 33.60 26.86
C ARG A 44 27.90 33.91 25.42
N VAL A 45 26.95 33.78 24.50
CA VAL A 45 27.23 34.04 23.08
C VAL A 45 27.70 35.47 22.87
N THR A 46 27.09 36.40 23.58
CA THR A 46 27.45 37.81 23.46
C THR A 46 28.91 38.03 23.83
N LEU A 47 29.50 39.10 23.31
CA LEU A 47 30.89 39.43 23.59
C LEU A 47 31.14 39.52 25.09
N LYS A 48 32.34 39.12 25.51
CA LYS A 48 32.70 39.15 26.92
C LYS A 48 33.82 40.17 27.16
N LYS A 49 33.86 41.21 26.33
CA LYS A 49 34.88 42.25 26.46
C LYS A 49 34.59 43.14 27.66
N ARG A 50 35.49 43.11 28.64
CA ARG A 50 35.33 43.92 29.85
C ARG A 50 36.67 44.48 30.31
N PHE A 51 36.61 45.51 31.14
CA PHE A 51 37.82 46.15 31.66
C PHE A 51 38.71 46.64 30.51
N GLY A 52 38.07 47.24 29.50
CA GLY A 52 38.81 47.75 28.35
C GLY A 52 39.35 49.14 28.59
N LEU A 53 40.16 49.29 29.63
CA LEU A 53 40.75 50.58 29.96
C LEU A 53 41.86 50.95 28.98
N VAL A 54 42.54 49.93 28.46
CA VAL A 54 43.62 50.14 27.51
C VAL A 54 44.75 50.97 28.13
N PRO A 55 45.47 50.36 29.08
CA PRO A 55 46.58 51.01 29.77
C PRO A 55 47.79 51.22 28.86
N GLY A 56 48.12 52.48 28.61
CA GLY A 56 49.25 52.79 27.75
C GLY A 56 50.21 53.78 28.39
N GLN A 57 50.50 54.86 27.69
CA GLN A 57 51.41 55.88 28.19
C GLN A 57 50.74 56.73 29.27
N HIS A 1 -17.12 5.12 1.30
CA HIS A 1 -16.65 4.01 0.47
C HIS A 1 -17.36 2.71 0.85
N LEU A 2 -17.04 1.64 0.12
CA LEU A 2 -17.65 0.34 0.37
C LEU A 2 -16.60 -0.68 0.79
N MET A 3 -17.05 -1.77 1.40
CA MET A 3 -16.15 -2.82 1.86
C MET A 3 -16.23 -4.04 0.94
N TYR A 4 -16.64 -3.81 -0.31
CA TYR A 4 -16.76 -4.89 -1.28
C TYR A 4 -16.90 -4.33 -2.69
N THR A 5 -16.08 -4.85 -3.61
CA THR A 5 -16.12 -4.39 -4.99
C THR A 5 -17.15 -5.17 -5.80
N LEU A 6 -17.72 -4.50 -6.81
CA LEU A 6 -18.73 -5.13 -7.65
C LEU A 6 -18.12 -5.61 -8.96
N GLY A 7 -18.72 -6.65 -9.54
CA GLY A 7 -18.22 -7.19 -10.79
C GLY A 7 -18.90 -6.57 -12.01
N PRO A 8 -18.49 -7.02 -13.20
CA PRO A 8 -19.05 -6.51 -14.46
C PRO A 8 -20.49 -6.97 -14.68
N ASP A 9 -20.95 -7.86 -13.81
CA ASP A 9 -22.32 -8.37 -13.91
C ASP A 9 -23.23 -7.70 -12.88
N GLY A 10 -22.62 -7.13 -11.85
CA GLY A 10 -23.38 -6.45 -10.81
C GLY A 10 -23.34 -7.20 -9.49
N LYS A 11 -22.58 -8.29 -9.45
CA LYS A 11 -22.45 -9.09 -8.24
C LYS A 11 -21.50 -8.43 -7.25
N ARG A 12 -21.58 -8.85 -5.99
CA ARG A 12 -20.72 -8.31 -4.95
C ARG A 12 -19.71 -9.34 -4.46
N ILE A 13 -18.52 -8.88 -4.10
CA ILE A 13 -17.46 -9.77 -3.63
C ILE A 13 -16.66 -9.11 -2.51
N TYR A 14 -16.92 -9.53 -1.28
CA TYR A 14 -16.21 -8.98 -0.12
C TYR A 14 -14.70 -9.04 -0.33
N THR A 15 -14.10 -7.88 -0.57
CA THR A 15 -12.66 -7.80 -0.79
C THR A 15 -12.06 -6.59 -0.08
N LEU A 16 -12.69 -6.20 1.02
CA LEU A 16 -12.21 -5.06 1.81
C LEU A 16 -10.74 -5.19 2.13
N LYS A 17 -9.93 -4.28 1.58
CA LYS A 17 -8.50 -4.30 1.81
C LYS A 17 -8.18 -4.31 3.31
N LYS A 18 -7.77 -5.48 3.81
CA LYS A 18 -7.44 -5.62 5.22
C LYS A 18 -6.38 -4.62 5.64
N VAL A 19 -6.62 -3.95 6.76
CA VAL A 19 -5.67 -2.96 7.27
C VAL A 19 -5.55 -3.05 8.78
N THR A 20 -4.34 -2.78 9.29
CA THR A 20 -4.09 -2.85 10.72
C THR A 20 -3.49 -1.53 11.23
N GLU A 21 -3.58 -1.31 12.54
CA GLU A 21 -3.05 -0.10 13.14
C GLU A 21 -1.53 -0.03 12.98
N SER A 22 -1.06 1.09 12.45
CA SER A 22 0.37 1.28 12.24
C SER A 22 1.12 1.35 13.57
N GLY A 23 0.60 2.17 14.49
CA GLY A 23 1.23 2.31 15.80
C GLY A 23 1.19 3.74 16.30
N GLU A 24 0.04 4.40 16.13
CA GLU A 24 -0.11 5.77 16.57
C GLU A 24 -0.87 5.84 17.90
N ILE A 25 -0.21 6.38 18.92
CA ILE A 25 -0.82 6.50 20.24
C ILE A 25 -1.12 7.96 20.57
N THR A 26 -2.21 8.18 21.31
CA THR A 26 -2.59 9.52 21.70
C THR A 26 -2.73 9.64 23.21
N LYS A 27 -2.13 10.68 23.79
CA LYS A 27 -2.20 10.91 25.23
C LYS A 27 -3.39 11.77 25.59
N SER A 28 -4.20 11.31 26.55
CA SER A 28 -5.38 12.03 26.98
C SER A 28 -5.06 12.88 28.23
N ALA A 29 -5.02 14.19 28.03
CA ALA A 29 -4.74 15.12 29.13
C ALA A 29 -5.67 16.32 29.09
N HIS A 30 -5.86 16.96 30.24
CA HIS A 30 -6.73 18.12 30.34
C HIS A 30 -5.92 19.37 30.68
N PRO A 31 -6.48 20.54 30.34
CA PRO A 31 -5.82 21.83 30.60
C PRO A 31 -5.77 22.17 32.09
N ALA A 32 -4.88 23.10 32.44
CA ALA A 32 -4.75 23.51 33.84
C ALA A 32 -4.01 24.84 33.94
N ARG A 33 -3.79 25.30 35.17
CA ARG A 33 -3.11 26.57 35.40
C ARG A 33 -2.89 26.80 36.90
N PHE A 34 -1.79 27.45 37.23
CA PHE A 34 -1.46 27.74 38.62
C PHE A 34 -0.55 28.97 38.73
N SER A 35 -0.73 29.73 39.80
CA SER A 35 0.07 30.93 40.02
C SER A 35 1.39 30.58 40.69
N PRO A 36 2.37 31.50 40.58
CA PRO A 36 3.70 31.31 41.17
C PRO A 36 3.66 31.39 42.70
N ASP A 37 2.98 32.41 43.22
CA ASP A 37 2.87 32.59 44.66
C ASP A 37 1.52 33.19 45.03
N ASP A 38 1.20 33.16 46.33
CA ASP A 38 -0.07 33.70 46.81
C ASP A 38 0.03 35.20 47.04
N LYS A 39 1.26 35.68 47.25
CA LYS A 39 1.50 37.11 47.48
C LYS A 39 1.43 37.89 46.18
N TYR A 40 1.28 37.18 45.07
CA TYR A 40 1.21 37.81 43.76
C TYR A 40 0.17 38.92 43.74
N SER A 41 -0.87 38.74 44.56
CA SER A 41 -1.95 39.73 44.63
C SER A 41 -1.39 41.13 44.87
N ARG A 42 -1.81 42.07 44.04
CA ARG A 42 -1.36 43.45 44.16
C ARG A 42 -2.18 44.21 45.20
N GLN A 43 -3.29 43.62 45.62
CA GLN A 43 -4.16 44.23 46.61
C GLN A 43 -3.39 44.54 47.89
N ARG A 44 -2.30 43.80 48.12
CA ARG A 44 -1.49 44.00 49.31
C ARG A 44 -1.04 45.45 49.43
N VAL A 45 -0.95 46.14 48.30
CA VAL A 45 -0.54 47.54 48.28
C VAL A 45 -1.36 48.36 49.27
N THR A 46 -2.65 48.07 49.34
CA THR A 46 -3.55 48.78 50.24
C THR A 46 -2.99 48.81 51.66
N LEU A 47 -3.60 49.62 52.52
CA LEU A 47 -3.17 49.74 53.90
C LEU A 47 -1.71 50.17 53.98
N LYS A 48 -1.30 51.05 53.08
CA LYS A 48 0.07 51.54 53.05
C LYS A 48 0.24 52.74 53.98
N LYS A 49 1.49 53.18 54.14
CA LYS A 49 1.78 54.32 54.99
C LYS A 49 2.69 55.32 54.27
N ARG A 50 2.11 56.45 53.88
CA ARG A 50 2.87 57.48 53.18
C ARG A 50 2.28 58.87 53.46
N PHE A 51 3.14 59.86 53.56
CA PHE A 51 2.71 61.23 53.82
C PHE A 51 3.23 62.19 52.75
N GLY A 52 2.31 62.66 51.89
CA GLY A 52 2.69 63.57 50.83
C GLY A 52 1.51 64.25 50.19
N LEU A 53 0.47 64.49 50.99
CA LEU A 53 -0.75 65.14 50.49
C LEU A 53 -0.54 66.64 50.35
N VAL A 54 0.38 67.18 51.14
CA VAL A 54 0.69 68.61 51.10
C VAL A 54 -0.53 69.44 51.48
N PRO A 55 -0.90 69.40 52.77
CA PRO A 55 -2.06 70.14 53.29
C PRO A 55 -1.82 71.65 53.30
N GLY A 56 -2.39 72.34 52.31
CA GLY A 56 -2.23 73.78 52.22
C GLY A 56 -3.54 74.50 52.02
N GLN A 57 -3.53 75.54 51.20
CA GLN A 57 -4.72 76.32 50.92
C GLN A 57 -5.62 75.60 49.91
N HIS A 1 -16.30 3.74 -1.41
CA HIS A 1 -16.23 3.75 0.05
C HIS A 1 -16.87 2.49 0.64
N LEU A 2 -17.46 1.68 -0.23
CA LEU A 2 -18.11 0.44 0.20
C LEU A 2 -17.08 -0.56 0.71
N MET A 3 -17.55 -1.59 1.40
CA MET A 3 -16.67 -2.63 1.93
C MET A 3 -16.72 -3.88 1.06
N TYR A 4 -17.05 -3.69 -0.21
CA TYR A 4 -17.13 -4.80 -1.15
C TYR A 4 -17.16 -4.31 -2.59
N THR A 5 -16.36 -4.94 -3.44
CA THR A 5 -16.29 -4.55 -4.85
C THR A 5 -17.39 -5.24 -5.66
N LEU A 6 -17.68 -4.71 -6.84
CA LEU A 6 -18.70 -5.26 -7.70
C LEU A 6 -18.08 -5.95 -8.92
N GLY A 7 -18.86 -6.77 -9.61
CA GLY A 7 -18.37 -7.47 -10.78
C GLY A 7 -18.81 -6.82 -12.07
N PRO A 8 -18.60 -7.52 -13.19
CA PRO A 8 -18.97 -7.03 -14.52
C PRO A 8 -20.49 -6.96 -14.72
N ASP A 9 -21.21 -7.73 -13.91
CA ASP A 9 -22.67 -7.76 -14.01
C ASP A 9 -23.29 -7.06 -12.80
N GLY A 10 -22.52 -6.93 -11.73
CA GLY A 10 -23.03 -6.27 -10.53
C GLY A 10 -22.98 -7.18 -9.31
N LYS A 11 -22.23 -8.28 -9.42
CA LYS A 11 -22.12 -9.23 -8.32
C LYS A 11 -21.16 -8.71 -7.25
N ARG A 12 -21.61 -8.73 -6.00
CA ARG A 12 -20.80 -8.26 -4.89
C ARG A 12 -19.65 -9.23 -4.60
N ILE A 13 -18.53 -8.69 -4.12
CA ILE A 13 -17.37 -9.51 -3.80
C ILE A 13 -16.58 -8.92 -2.64
N TYR A 14 -16.74 -9.50 -1.47
CA TYR A 14 -16.03 -9.03 -0.28
C TYR A 14 -14.53 -8.90 -0.54
N THR A 15 -14.08 -7.66 -0.73
CA THR A 15 -12.67 -7.40 -1.00
C THR A 15 -12.18 -6.20 -0.19
N LEU A 16 -12.87 -5.90 0.90
CA LEU A 16 -12.50 -4.78 1.75
C LEU A 16 -11.03 -4.86 2.14
N LYS A 17 -10.56 -6.07 2.43
CA LYS A 17 -9.17 -6.28 2.81
C LYS A 17 -8.22 -5.79 1.72
N LYS A 18 -7.19 -5.06 2.12
CA LYS A 18 -6.21 -4.53 1.19
C LYS A 18 -5.52 -5.66 0.43
N VAL A 19 -5.50 -5.55 -0.90
CA VAL A 19 -4.87 -6.56 -1.74
C VAL A 19 -3.70 -5.97 -2.52
N THR A 20 -2.65 -6.78 -2.70
CA THR A 20 -1.48 -6.34 -3.43
C THR A 20 -1.11 -7.32 -4.54
N GLU A 21 -0.30 -6.86 -5.49
CA GLU A 21 0.11 -7.70 -6.60
C GLU A 21 1.53 -8.21 -6.40
N SER A 22 1.96 -8.28 -5.15
CA SER A 22 3.30 -8.75 -4.81
C SER A 22 4.35 -7.98 -5.60
N GLY A 23 4.05 -6.73 -5.94
CA GLY A 23 4.98 -5.91 -6.68
C GLY A 23 5.34 -6.52 -8.03
N GLU A 24 4.35 -7.09 -8.70
CA GLU A 24 4.57 -7.73 -9.99
C GLU A 24 4.27 -6.74 -11.13
N ILE A 25 5.10 -6.79 -12.17
CA ILE A 25 4.93 -5.91 -13.32
C ILE A 25 3.51 -5.99 -13.87
N THR A 26 2.98 -4.85 -14.30
CA THR A 26 1.64 -4.79 -14.85
C THR A 26 1.64 -5.10 -16.35
N LYS A 27 0.70 -5.93 -16.77
CA LYS A 27 0.58 -6.31 -18.18
C LYS A 27 -0.61 -5.63 -18.83
N SER A 28 -1.61 -5.29 -18.02
CA SER A 28 -2.81 -4.64 -18.53
C SER A 28 -2.77 -3.13 -18.26
N ALA A 29 -1.55 -2.60 -18.19
CA ALA A 29 -1.37 -1.16 -17.96
C ALA A 29 -1.37 -0.38 -19.27
N HIS A 30 -0.35 -0.63 -20.09
CA HIS A 30 -0.24 0.06 -21.37
C HIS A 30 -1.54 -0.05 -22.17
N PRO A 31 -1.74 0.88 -23.10
CA PRO A 31 -2.94 0.91 -23.95
C PRO A 31 -2.95 -0.24 -24.96
N ALA A 32 -3.71 -1.29 -24.64
CA ALA A 32 -3.81 -2.45 -25.52
C ALA A 32 -5.10 -2.40 -26.35
N ARG A 33 -4.95 -2.42 -27.67
CA ARG A 33 -6.10 -2.38 -28.56
C ARG A 33 -5.69 -2.76 -29.98
N PHE A 34 -6.39 -3.74 -30.55
CA PHE A 34 -6.11 -4.20 -31.90
C PHE A 34 -6.20 -3.04 -32.90
N SER A 35 -7.35 -2.39 -32.95
CA SER A 35 -7.57 -1.28 -33.86
C SER A 35 -8.97 -0.69 -33.69
N PRO A 36 -9.15 0.55 -34.15
CA PRO A 36 -10.44 1.25 -34.06
C PRO A 36 -11.49 0.65 -34.98
N ASP A 37 -11.09 0.36 -36.22
CA ASP A 37 -11.99 -0.22 -37.20
C ASP A 37 -11.41 -1.50 -37.78
N ASP A 38 -12.27 -2.50 -37.98
CA ASP A 38 -11.84 -3.78 -38.54
C ASP A 38 -11.79 -3.73 -40.06
N LYS A 39 -12.56 -2.81 -40.64
CA LYS A 39 -12.61 -2.65 -42.08
C LYS A 39 -11.43 -1.81 -42.58
N TYR A 40 -10.58 -1.40 -41.66
CA TYR A 40 -9.41 -0.59 -42.01
C TYR A 40 -8.61 -1.26 -43.12
N SER A 41 -8.62 -2.58 -43.14
CA SER A 41 -7.88 -3.34 -44.15
C SER A 41 -8.58 -3.25 -45.50
N ARG A 42 -7.96 -2.51 -46.42
CA ARG A 42 -8.52 -2.34 -47.77
C ARG A 42 -8.33 -3.60 -48.60
N GLN A 43 -7.31 -4.37 -48.27
CA GLN A 43 -7.02 -5.61 -48.99
C GLN A 43 -8.14 -6.61 -48.80
N ARG A 44 -8.86 -6.49 -47.68
CA ARG A 44 -9.96 -7.41 -47.39
C ARG A 44 -10.95 -7.45 -48.55
N VAL A 45 -11.07 -6.34 -49.27
CA VAL A 45 -11.97 -6.25 -50.40
C VAL A 45 -11.44 -7.03 -51.60
N THR A 46 -10.15 -6.85 -51.90
CA THR A 46 -9.52 -7.53 -53.01
C THR A 46 -9.54 -9.05 -52.82
N LEU A 47 -9.93 -9.77 -53.87
CA LEU A 47 -9.99 -11.22 -53.82
C LEU A 47 -8.62 -11.81 -53.51
N LYS A 48 -8.58 -12.75 -52.58
CA LYS A 48 -7.33 -13.40 -52.19
C LYS A 48 -6.96 -14.48 -53.20
N LYS A 49 -5.69 -14.50 -53.60
CA LYS A 49 -5.20 -15.49 -54.56
C LYS A 49 -4.07 -16.32 -53.94
N ARG A 50 -4.38 -17.58 -53.65
CA ARG A 50 -3.39 -18.48 -53.06
C ARG A 50 -3.03 -19.60 -54.05
N PHE A 51 -4.00 -20.02 -54.85
CA PHE A 51 -3.79 -21.07 -55.83
C PHE A 51 -2.74 -20.66 -56.85
N GLY A 52 -1.62 -21.38 -56.88
CA GLY A 52 -0.56 -21.07 -57.82
C GLY A 52 0.10 -22.33 -58.37
N LEU A 53 -0.62 -23.44 -58.33
CA LEU A 53 -0.10 -24.70 -58.84
C LEU A 53 -0.92 -25.21 -60.02
N VAL A 54 -0.26 -25.89 -60.95
CA VAL A 54 -0.94 -26.44 -62.12
C VAL A 54 -0.49 -27.87 -62.40
N PRO A 55 -0.91 -28.79 -61.53
CA PRO A 55 -0.57 -30.22 -61.66
C PRO A 55 -1.26 -30.87 -62.86
N GLY A 56 -2.35 -30.24 -63.32
CA GLY A 56 -3.07 -30.77 -64.45
C GLY A 56 -4.51 -30.28 -64.50
N GLN A 57 -4.68 -29.02 -64.87
CA GLN A 57 -6.02 -28.43 -64.95
C GLN A 57 -6.69 -28.79 -66.27
N HIS A 1 -21.26 0.86 3.64
CA HIS A 1 -19.82 1.02 3.39
C HIS A 1 -19.41 0.25 2.15
N LEU A 2 -18.58 0.88 1.32
CA LEU A 2 -18.10 0.24 0.09
C LEU A 2 -16.93 -0.71 0.38
N MET A 3 -17.17 -1.67 1.26
CA MET A 3 -16.14 -2.64 1.63
C MET A 3 -16.27 -3.91 0.80
N TYR A 4 -16.70 -3.77 -0.44
CA TYR A 4 -16.88 -4.90 -1.34
C TYR A 4 -16.96 -4.45 -2.80
N THR A 5 -16.08 -4.98 -3.63
CA THR A 5 -16.05 -4.63 -5.04
C THR A 5 -17.13 -5.38 -5.82
N LEU A 6 -17.62 -4.75 -6.88
CA LEU A 6 -18.66 -5.36 -7.71
C LEU A 6 -18.07 -5.90 -9.01
N GLY A 7 -18.84 -6.74 -9.69
CA GLY A 7 -18.39 -7.32 -10.94
C GLY A 7 -18.95 -6.60 -12.15
N PRO A 8 -18.72 -7.16 -13.35
CA PRO A 8 -19.20 -6.58 -14.60
C PRO A 8 -20.71 -6.67 -14.74
N ASP A 9 -21.32 -7.57 -13.97
CA ASP A 9 -22.76 -7.75 -14.01
C ASP A 9 -23.41 -7.22 -12.74
N GLY A 10 -22.62 -7.06 -11.69
CA GLY A 10 -23.12 -6.56 -10.42
C GLY A 10 -22.90 -7.53 -9.29
N LYS A 11 -22.00 -8.48 -9.49
CA LYS A 11 -21.69 -9.47 -8.47
C LYS A 11 -20.90 -8.85 -7.34
N ARG A 12 -21.47 -8.87 -6.14
CA ARG A 12 -20.81 -8.31 -4.96
C ARG A 12 -19.65 -9.19 -4.51
N ILE A 13 -18.60 -8.57 -4.01
CA ILE A 13 -17.42 -9.30 -3.55
C ILE A 13 -16.85 -8.67 -2.28
N TYR A 14 -16.99 -9.39 -1.16
CA TYR A 14 -16.49 -8.90 0.12
C TYR A 14 -14.98 -9.07 0.21
N THR A 15 -14.25 -8.36 -0.66
CA THR A 15 -12.79 -8.44 -0.68
C THR A 15 -12.18 -7.33 0.17
N LEU A 16 -13.02 -6.67 0.97
CA LEU A 16 -12.57 -5.59 1.84
C LEU A 16 -11.56 -4.71 1.12
N LYS A 17 -11.80 -4.46 -0.17
CA LYS A 17 -10.92 -3.63 -0.97
C LYS A 17 -10.80 -2.23 -0.38
N LYS A 18 -9.67 -1.96 0.28
CA LYS A 18 -9.44 -0.66 0.89
C LYS A 18 -9.46 0.45 -0.15
N VAL A 19 -8.66 0.29 -1.20
CA VAL A 19 -8.58 1.27 -2.27
C VAL A 19 -9.61 0.98 -3.36
N THR A 20 -10.20 2.03 -3.91
CA THR A 20 -11.20 1.89 -4.97
C THR A 20 -10.82 2.70 -6.19
N GLU A 21 -11.49 2.42 -7.31
CA GLU A 21 -11.23 3.13 -8.56
C GLU A 21 -12.21 4.28 -8.74
N SER A 22 -11.68 5.51 -8.76
CA SER A 22 -12.51 6.70 -8.93
C SER A 22 -12.48 7.19 -10.38
N GLY A 23 -12.23 6.25 -11.30
CA GLY A 23 -12.18 6.61 -12.71
C GLY A 23 -13.55 6.61 -13.36
N GLU A 24 -14.31 7.67 -13.16
CA GLU A 24 -15.64 7.78 -13.73
C GLU A 24 -15.67 8.77 -14.88
N ILE A 25 -14.80 9.79 -14.80
CA ILE A 25 -14.73 10.81 -15.83
C ILE A 25 -13.44 10.66 -16.65
N THR A 26 -13.53 10.98 -17.93
CA THR A 26 -12.38 10.88 -18.82
C THR A 26 -12.48 11.87 -19.97
N LYS A 27 -11.34 12.35 -20.45
CA LYS A 27 -11.31 13.31 -21.56
C LYS A 27 -10.95 12.60 -22.87
N SER A 28 -11.61 13.00 -23.94
CA SER A 28 -11.35 12.41 -25.25
C SER A 28 -11.67 13.41 -26.37
N ALA A 29 -10.79 13.47 -27.36
CA ALA A 29 -10.98 14.37 -28.50
C ALA A 29 -12.08 13.88 -29.42
N HIS A 30 -11.89 12.68 -29.97
CA HIS A 30 -12.87 12.09 -30.88
C HIS A 30 -12.79 10.57 -30.85
N PRO A 31 -13.86 9.91 -31.31
CA PRO A 31 -13.94 8.44 -31.34
C PRO A 31 -13.00 7.84 -32.38
N ALA A 32 -12.30 6.78 -31.99
CA ALA A 32 -11.38 6.10 -32.89
C ALA A 32 -12.13 5.33 -33.97
N ARG A 33 -11.93 5.75 -35.22
CA ARG A 33 -12.60 5.10 -36.35
C ARG A 33 -12.31 3.60 -36.36
N PHE A 34 -13.36 2.81 -36.50
CA PHE A 34 -13.24 1.35 -36.52
C PHE A 34 -13.05 0.85 -37.94
N SER A 35 -14.00 1.15 -38.81
CA SER A 35 -13.95 0.71 -40.20
C SER A 35 -15.01 1.43 -41.04
N PRO A 36 -14.81 1.44 -42.36
CA PRO A 36 -15.74 2.08 -43.29
C PRO A 36 -17.06 1.33 -43.40
N ASP A 37 -17.00 0.00 -43.29
CA ASP A 37 -18.19 -0.83 -43.37
C ASP A 37 -18.29 -1.75 -42.15
N ASP A 38 -19.51 -1.93 -41.66
CA ASP A 38 -19.75 -2.79 -40.50
C ASP A 38 -19.89 -4.25 -40.93
N LYS A 39 -20.24 -4.46 -42.18
CA LYS A 39 -20.41 -5.81 -42.71
C LYS A 39 -19.08 -6.36 -43.22
N TYR A 40 -18.23 -5.47 -43.73
CA TYR A 40 -16.93 -5.86 -44.25
C TYR A 40 -16.12 -6.60 -43.21
N SER A 41 -16.42 -6.35 -41.94
CA SER A 41 -15.72 -6.98 -40.83
C SER A 41 -16.26 -8.39 -40.58
N ARG A 42 -17.54 -8.58 -40.88
CA ARG A 42 -18.18 -9.88 -40.69
C ARG A 42 -17.71 -10.87 -41.75
N GLN A 43 -17.33 -10.36 -42.91
CA GLN A 43 -16.88 -11.20 -44.01
C GLN A 43 -15.52 -11.82 -43.69
N ARG A 44 -14.60 -11.00 -43.18
CA ARG A 44 -13.26 -11.47 -42.84
C ARG A 44 -13.34 -12.69 -41.92
N VAL A 45 -14.37 -12.74 -41.09
CA VAL A 45 -14.57 -13.86 -40.17
C VAL A 45 -14.98 -15.12 -40.91
N THR A 46 -15.87 -14.96 -41.89
CA THR A 46 -16.36 -16.08 -42.67
C THR A 46 -15.22 -16.79 -43.39
N LEU A 47 -14.94 -18.03 -42.99
CA LEU A 47 -13.87 -18.81 -43.60
C LEU A 47 -14.27 -19.29 -45.00
N LYS A 48 -15.54 -19.07 -45.35
CA LYS A 48 -16.04 -19.46 -46.66
C LYS A 48 -15.14 -18.95 -47.77
N LYS A 49 -14.50 -17.81 -47.53
CA LYS A 49 -13.61 -17.21 -48.52
C LYS A 49 -12.58 -18.22 -49.01
N ARG A 50 -12.73 -18.66 -50.26
CA ARG A 50 -11.82 -19.62 -50.86
C ARG A 50 -11.01 -18.99 -51.98
N PHE A 51 -11.58 -17.95 -52.60
CA PHE A 51 -10.91 -17.26 -53.70
C PHE A 51 -10.59 -18.22 -54.84
N GLY A 52 -11.49 -19.18 -55.06
CA GLY A 52 -11.28 -20.15 -56.12
C GLY A 52 -12.23 -19.93 -57.28
N LEU A 53 -12.47 -18.67 -57.63
CA LEU A 53 -13.36 -18.34 -58.73
C LEU A 53 -12.91 -19.02 -60.02
N VAL A 54 -11.77 -18.59 -60.54
CA VAL A 54 -11.23 -19.17 -61.76
C VAL A 54 -9.70 -19.13 -61.76
N PRO A 55 -9.09 -20.04 -60.98
CA PRO A 55 -7.64 -20.13 -60.87
C PRO A 55 -6.99 -20.67 -62.14
N GLY A 56 -6.37 -19.76 -62.91
CA GLY A 56 -5.72 -20.17 -64.14
C GLY A 56 -4.47 -20.98 -63.90
N GLN A 57 -3.36 -20.29 -63.68
CA GLN A 57 -2.08 -20.96 -63.44
C GLN A 57 -1.99 -21.46 -62.00
N HIS A 1 -18.71 3.80 3.68
CA HIS A 1 -17.53 3.34 2.94
C HIS A 1 -17.75 1.94 2.37
N LEU A 2 -17.43 1.77 1.10
CA LEU A 2 -17.59 0.48 0.44
C LEU A 2 -16.56 -0.52 0.95
N MET A 3 -17.02 -1.74 1.22
CA MET A 3 -16.14 -2.79 1.72
C MET A 3 -16.18 -4.01 0.80
N TYR A 4 -16.61 -3.80 -0.45
CA TYR A 4 -16.71 -4.88 -1.42
C TYR A 4 -16.85 -4.33 -2.83
N THR A 5 -16.00 -4.80 -3.74
CA THR A 5 -16.04 -4.36 -5.13
C THR A 5 -17.06 -5.15 -5.94
N LEU A 6 -17.75 -4.46 -6.83
CA LEU A 6 -18.77 -5.10 -7.67
C LEU A 6 -18.16 -5.58 -8.99
N GLY A 7 -18.74 -6.63 -9.56
CA GLY A 7 -18.25 -7.17 -10.81
C GLY A 7 -18.92 -6.52 -12.02
N PRO A 8 -18.52 -6.97 -13.21
CA PRO A 8 -19.08 -6.46 -14.47
C PRO A 8 -20.53 -6.88 -14.68
N ASP A 9 -21.01 -7.77 -13.83
CA ASP A 9 -22.38 -8.26 -13.91
C ASP A 9 -23.26 -7.63 -12.84
N GLY A 10 -22.62 -7.12 -11.79
CA GLY A 10 -23.36 -6.50 -10.71
C GLY A 10 -23.26 -7.28 -9.41
N LYS A 11 -22.50 -8.36 -9.44
CA LYS A 11 -22.33 -9.20 -8.25
C LYS A 11 -21.40 -8.53 -7.23
N ARG A 12 -21.49 -8.97 -5.99
CA ARG A 12 -20.65 -8.42 -4.93
C ARG A 12 -19.62 -9.43 -4.45
N ILE A 13 -18.45 -8.95 -4.07
CA ILE A 13 -17.37 -9.82 -3.60
C ILE A 13 -16.63 -9.17 -2.43
N TYR A 14 -17.11 -9.42 -1.22
CA TYR A 14 -16.49 -8.87 -0.02
C TYR A 14 -14.99 -9.18 0.01
N THR A 15 -14.19 -8.16 -0.29
CA THR A 15 -12.73 -8.32 -0.30
C THR A 15 -12.05 -7.18 0.44
N LEU A 16 -12.84 -6.36 1.11
CA LEU A 16 -12.31 -5.23 1.87
C LEU A 16 -11.38 -4.38 1.00
N LYS A 17 -11.65 -4.36 -0.29
CA LYS A 17 -10.84 -3.59 -1.23
C LYS A 17 -10.87 -2.10 -0.89
N LYS A 18 -9.82 -1.62 -0.23
CA LYS A 18 -9.74 -0.21 0.15
C LYS A 18 -9.84 0.69 -1.06
N VAL A 19 -10.96 1.40 -1.18
CA VAL A 19 -11.19 2.30 -2.30
C VAL A 19 -10.41 3.61 -2.12
N THR A 20 -9.92 4.15 -3.23
CA THR A 20 -9.16 5.39 -3.19
C THR A 20 -10.08 6.60 -3.12
N GLU A 21 -9.96 7.38 -2.05
CA GLU A 21 -10.78 8.57 -1.87
C GLU A 21 -10.32 9.70 -2.79
N SER A 22 -11.27 10.45 -3.31
CA SER A 22 -10.96 11.56 -4.20
C SER A 22 -10.24 12.68 -3.46
N GLY A 23 -10.79 13.09 -2.32
CA GLY A 23 -10.18 14.14 -1.54
C GLY A 23 -10.54 15.53 -2.04
N GLU A 24 -10.08 16.55 -1.33
CA GLU A 24 -10.36 17.93 -1.71
C GLU A 24 -9.12 18.58 -2.34
N ILE A 25 -9.33 19.73 -2.97
CA ILE A 25 -8.24 20.45 -3.62
C ILE A 25 -8.17 21.89 -3.13
N THR A 26 -6.95 22.39 -2.95
CA THR A 26 -6.74 23.76 -2.49
C THR A 26 -6.32 24.67 -3.64
N LYS A 27 -6.76 25.92 -3.58
CA LYS A 27 -6.42 26.90 -4.62
C LYS A 27 -4.94 27.27 -4.56
N SER A 28 -4.21 26.92 -5.61
CA SER A 28 -2.78 27.21 -5.67
C SER A 28 -2.51 28.34 -6.67
N ALA A 29 -3.47 29.24 -6.82
CA ALA A 29 -3.33 30.37 -7.73
C ALA A 29 -3.89 31.65 -7.12
N HIS A 30 -3.27 32.77 -7.45
CA HIS A 30 -3.71 34.07 -6.94
C HIS A 30 -4.13 35.00 -8.08
N PRO A 31 -4.91 36.02 -7.74
CA PRO A 31 -5.40 37.01 -8.72
C PRO A 31 -4.28 37.89 -9.25
N ALA A 32 -4.61 38.69 -10.27
CA ALA A 32 -3.64 39.60 -10.87
C ALA A 32 -3.18 40.65 -9.87
N ARG A 33 -1.98 40.46 -9.32
CA ARG A 33 -1.42 41.39 -8.35
C ARG A 33 -1.29 42.80 -8.96
N PHE A 34 -1.33 43.81 -8.10
CA PHE A 34 -1.22 45.20 -8.55
C PHE A 34 0.06 45.83 -8.02
N SER A 35 0.78 46.50 -8.90
CA SER A 35 2.03 47.16 -8.54
C SER A 35 2.28 48.40 -9.39
N PRO A 36 1.50 49.46 -9.11
CA PRO A 36 1.61 50.73 -9.85
C PRO A 36 2.91 51.46 -9.53
N ASP A 37 3.65 50.98 -8.54
CA ASP A 37 4.91 51.58 -8.15
C ASP A 37 6.07 50.95 -8.90
N ASP A 38 5.76 50.17 -9.93
CA ASP A 38 6.77 49.51 -10.74
C ASP A 38 7.42 50.49 -11.72
N LYS A 39 6.70 51.56 -12.04
CA LYS A 39 7.20 52.56 -12.97
C LYS A 39 8.27 53.43 -12.31
N TYR A 40 8.17 53.59 -11.00
CA TYR A 40 9.13 54.39 -10.25
C TYR A 40 10.49 53.71 -10.21
N SER A 41 10.52 52.45 -10.60
CA SER A 41 11.76 51.68 -10.60
C SER A 41 12.57 51.95 -11.87
N ARG A 42 12.05 52.83 -12.72
CA ARG A 42 12.72 53.18 -13.97
C ARG A 42 13.75 54.27 -13.74
N GLN A 43 13.79 54.80 -12.52
CA GLN A 43 14.73 55.86 -12.18
C GLN A 43 16.17 55.42 -12.43
N ARG A 44 16.39 54.11 -12.42
CA ARG A 44 17.71 53.55 -12.65
C ARG A 44 18.32 54.08 -13.94
N VAL A 45 17.48 54.21 -14.97
CA VAL A 45 17.93 54.71 -16.27
C VAL A 45 18.07 56.23 -16.25
N THR A 46 17.09 56.91 -15.68
CA THR A 46 17.11 58.37 -15.61
C THR A 46 18.31 58.84 -14.81
N LEU A 47 18.99 59.86 -15.33
CA LEU A 47 20.17 60.42 -14.66
C LEU A 47 20.55 61.76 -15.28
N LYS A 48 20.50 62.82 -14.49
CA LYS A 48 20.84 64.15 -14.95
C LYS A 48 22.09 64.68 -14.25
N LYS A 49 22.26 64.27 -12.99
CA LYS A 49 23.41 64.69 -12.20
C LYS A 49 24.72 64.30 -12.88
N ARG A 50 25.83 64.62 -12.25
CA ARG A 50 27.14 64.30 -12.80
C ARG A 50 27.26 64.78 -14.24
N PHE A 51 26.64 65.92 -14.54
CA PHE A 51 26.68 66.49 -15.88
C PHE A 51 28.12 66.59 -16.39
N GLY A 52 29.06 66.77 -15.48
CA GLY A 52 30.45 66.88 -15.85
C GLY A 52 31.06 65.53 -16.19
N LEU A 53 30.59 64.92 -17.28
CA LEU A 53 31.08 63.62 -17.71
C LEU A 53 32.49 63.75 -18.31
N VAL A 54 32.75 64.89 -18.95
CA VAL A 54 34.04 65.14 -19.57
C VAL A 54 34.37 64.07 -20.60
N PRO A 55 33.68 64.14 -21.75
CA PRO A 55 33.88 63.19 -22.85
C PRO A 55 35.23 63.38 -23.55
N GLY A 56 36.06 62.34 -23.49
CA GLY A 56 37.37 62.41 -24.12
C GLY A 56 38.04 61.06 -24.21
N GLN A 57 39.16 60.90 -23.52
CA GLN A 57 39.90 59.64 -23.53
C GLN A 57 40.59 59.40 -22.20
N HIS A 1 -18.93 4.23 0.59
CA HIS A 1 -18.41 3.68 1.83
C HIS A 1 -18.65 2.17 1.90
N LEU A 2 -18.76 1.54 0.74
CA LEU A 2 -18.99 0.10 0.66
C LEU A 2 -17.72 -0.67 0.97
N MET A 3 -17.87 -1.84 1.59
CA MET A 3 -16.72 -2.68 1.93
C MET A 3 -16.66 -3.90 1.02
N TYR A 4 -16.98 -3.71 -0.25
CA TYR A 4 -16.96 -4.79 -1.22
C TYR A 4 -17.00 -4.26 -2.65
N THR A 5 -16.21 -4.87 -3.52
CA THR A 5 -16.16 -4.45 -4.92
C THR A 5 -17.17 -5.21 -5.76
N LEU A 6 -17.78 -4.52 -6.72
CA LEU A 6 -18.78 -5.12 -7.60
C LEU A 6 -18.13 -5.69 -8.85
N GLY A 7 -18.77 -6.69 -9.45
CA GLY A 7 -18.24 -7.30 -10.65
C GLY A 7 -18.81 -6.70 -11.92
N PRO A 8 -18.39 -7.21 -13.08
CA PRO A 8 -18.86 -6.73 -14.37
C PRO A 8 -20.32 -7.08 -14.64
N ASP A 9 -20.89 -7.90 -13.76
CA ASP A 9 -22.29 -8.31 -13.90
C ASP A 9 -23.17 -7.57 -12.89
N GLY A 10 -22.55 -7.06 -11.83
CA GLY A 10 -23.29 -6.34 -10.82
C GLY A 10 -23.31 -7.07 -9.49
N LYS A 11 -22.63 -8.21 -9.43
CA LYS A 11 -22.57 -9.01 -8.21
C LYS A 11 -21.63 -8.38 -7.19
N ARG A 12 -21.74 -8.81 -5.94
CA ARG A 12 -20.89 -8.30 -4.88
C ARG A 12 -19.85 -9.33 -4.46
N ILE A 13 -18.64 -8.86 -4.16
CA ILE A 13 -17.56 -9.74 -3.75
C ILE A 13 -16.65 -9.06 -2.73
N TYR A 14 -16.62 -9.60 -1.51
CA TYR A 14 -15.80 -9.04 -0.45
C TYR A 14 -14.34 -9.00 -0.86
N THR A 15 -13.88 -7.83 -1.30
CA THR A 15 -12.49 -7.65 -1.73
C THR A 15 -11.98 -6.27 -1.35
N LEU A 16 -12.58 -5.67 -0.33
CA LEU A 16 -12.18 -4.34 0.13
C LEU A 16 -10.72 -4.35 0.57
N LYS A 17 -9.92 -3.49 -0.06
CA LYS A 17 -8.50 -3.38 0.27
C LYS A 17 -7.83 -4.75 0.24
N LYS A 18 -8.21 -5.57 -0.73
CA LYS A 18 -7.66 -6.91 -0.87
C LYS A 18 -6.13 -6.86 -0.89
N VAL A 19 -5.59 -5.76 -1.39
CA VAL A 19 -4.13 -5.58 -1.47
C VAL A 19 -3.54 -5.44 -0.08
N THR A 20 -2.53 -6.26 0.21
CA THR A 20 -1.86 -6.23 1.51
C THR A 20 -0.70 -5.24 1.50
N GLU A 21 -0.96 -4.02 1.97
CA GLU A 21 0.07 -2.98 2.01
C GLU A 21 1.33 -3.49 2.72
N SER A 22 2.48 -3.19 2.14
CA SER A 22 3.76 -3.63 2.70
C SER A 22 4.55 -2.43 3.22
N GLY A 23 4.28 -1.26 2.65
CA GLY A 23 4.99 -0.06 3.07
C GLY A 23 4.93 0.16 4.57
N GLU A 24 3.72 0.34 5.10
CA GLU A 24 3.54 0.56 6.53
C GLU A 24 2.95 -0.69 7.20
N ILE A 25 3.33 -0.92 8.45
CA ILE A 25 2.84 -2.07 9.20
C ILE A 25 2.60 -1.70 10.66
N THR A 26 1.55 -2.29 11.24
CA THR A 26 1.22 -2.03 12.64
C THR A 26 1.07 -3.34 13.42
N LYS A 27 1.68 -3.39 14.60
CA LYS A 27 1.61 -4.57 15.43
C LYS A 27 1.97 -4.24 16.89
N SER A 28 1.49 -5.04 17.82
CA SER A 28 1.75 -4.83 19.23
C SER A 28 3.13 -5.36 19.61
N ALA A 29 3.54 -5.10 20.85
CA ALA A 29 4.83 -5.55 21.33
C ALA A 29 4.67 -6.55 22.47
N HIS A 30 5.68 -7.39 22.67
CA HIS A 30 5.66 -8.39 23.72
C HIS A 30 6.92 -8.32 24.58
N PRO A 31 7.04 -7.25 25.39
CA PRO A 31 8.18 -7.05 26.26
C PRO A 31 8.23 -8.05 27.41
N ALA A 32 9.12 -9.03 27.31
CA ALA A 32 9.27 -10.05 28.34
C ALA A 32 10.67 -10.65 28.32
N ARG A 33 11.21 -10.90 29.52
CA ARG A 33 12.55 -11.48 29.64
C ARG A 33 12.80 -11.95 31.07
N PHE A 34 13.89 -12.69 31.25
CA PHE A 34 14.25 -13.22 32.56
C PHE A 34 15.44 -12.46 33.14
N SER A 35 15.77 -12.75 34.39
CA SER A 35 16.89 -12.11 35.06
C SER A 35 17.95 -13.13 35.47
N PRO A 36 18.63 -13.70 34.48
CA PRO A 36 19.67 -14.71 34.70
C PRO A 36 20.93 -14.11 35.33
N ASP A 37 21.04 -12.78 35.27
CA ASP A 37 22.18 -12.08 35.84
C ASP A 37 21.90 -11.66 37.28
N ASP A 38 20.83 -12.22 37.85
CA ASP A 38 20.46 -11.90 39.22
C ASP A 38 21.48 -12.47 40.21
N LYS A 39 22.19 -13.50 39.78
CA LYS A 39 23.20 -14.13 40.63
C LYS A 39 24.48 -13.33 40.64
N TYR A 40 24.80 -12.67 39.52
CA TYR A 40 26.00 -11.86 39.41
C TYR A 40 26.03 -10.77 40.48
N SER A 41 24.84 -10.36 40.92
CA SER A 41 24.73 -9.33 41.94
C SER A 41 24.58 -9.94 43.33
N ARG A 42 25.10 -11.15 43.50
CA ARG A 42 25.03 -11.85 44.78
C ARG A 42 25.85 -11.13 45.84
N GLN A 43 26.87 -10.40 45.39
CA GLN A 43 27.73 -9.65 46.31
C GLN A 43 26.92 -8.69 47.17
N ARG A 44 25.77 -8.29 46.65
CA ARG A 44 24.89 -7.37 47.37
C ARG A 44 24.61 -7.87 48.77
N VAL A 45 24.62 -9.19 48.95
CA VAL A 45 24.36 -9.80 50.25
C VAL A 45 25.27 -9.19 51.31
N THR A 46 26.46 -8.75 50.90
CA THR A 46 27.41 -8.15 51.83
C THR A 46 27.60 -9.02 53.07
N LEU A 47 27.49 -10.34 52.88
CA LEU A 47 27.64 -11.27 53.99
C LEU A 47 29.00 -11.09 54.67
N LYS A 48 28.97 -10.59 55.90
CA LYS A 48 30.18 -10.37 56.67
C LYS A 48 30.47 -11.55 57.60
N LYS A 49 29.99 -12.72 57.22
CA LYS A 49 30.18 -13.93 58.01
C LYS A 49 31.27 -14.81 57.40
N ARG A 50 32.17 -14.19 56.65
CA ARG A 50 33.26 -14.93 56.01
C ARG A 50 34.39 -15.20 56.99
N PHE A 51 35.19 -16.21 56.71
CA PHE A 51 36.32 -16.57 57.57
C PHE A 51 37.20 -15.37 57.85
N GLY A 52 37.88 -14.88 56.82
CA GLY A 52 38.75 -13.74 56.97
C GLY A 52 39.74 -13.91 58.10
N LEU A 53 40.08 -15.16 58.40
CA LEU A 53 41.03 -15.45 59.47
C LEU A 53 42.43 -14.98 59.11
N VAL A 54 43.22 -14.64 60.13
CA VAL A 54 44.58 -14.17 59.93
C VAL A 54 45.52 -14.75 60.97
N PRO A 55 46.83 -14.78 60.65
CA PRO A 55 47.86 -15.31 61.54
C PRO A 55 48.09 -14.40 62.76
N GLY A 56 48.21 -15.01 63.92
CA GLY A 56 48.43 -14.25 65.14
C GLY A 56 49.88 -14.30 65.60
N GLN A 57 50.08 -14.73 66.84
CA GLN A 57 51.42 -14.82 67.41
C GLN A 57 52.08 -16.14 67.03
N HIS A 1 -18.04 2.66 4.55
CA HIS A 1 -19.08 2.86 3.55
C HIS A 1 -19.26 1.60 2.70
N LEU A 2 -18.15 1.03 2.25
CA LEU A 2 -18.18 -0.18 1.44
C LEU A 2 -16.93 -1.02 1.65
N MET A 3 -17.13 -2.31 1.88
CA MET A 3 -16.01 -3.22 2.10
C MET A 3 -16.03 -4.36 1.08
N TYR A 4 -16.62 -4.10 -0.08
CA TYR A 4 -16.72 -5.11 -1.13
C TYR A 4 -16.92 -4.44 -2.50
N THR A 5 -16.19 -4.93 -3.50
CA THR A 5 -16.30 -4.39 -4.84
C THR A 5 -17.34 -5.13 -5.66
N LEU A 6 -17.78 -4.52 -6.75
CA LEU A 6 -18.78 -5.13 -7.62
C LEU A 6 -18.14 -5.69 -8.89
N GLY A 7 -18.82 -6.64 -9.52
CA GLY A 7 -18.30 -7.24 -10.74
C GLY A 7 -18.92 -6.65 -12.00
N PRO A 8 -18.49 -7.14 -13.16
CA PRO A 8 -19.00 -6.67 -14.45
C PRO A 8 -20.45 -7.10 -14.69
N ASP A 9 -20.96 -7.95 -13.82
CA ASP A 9 -22.33 -8.44 -13.93
C ASP A 9 -23.24 -7.75 -12.91
N GLY A 10 -22.63 -7.18 -11.88
CA GLY A 10 -23.39 -6.51 -10.84
C GLY A 10 -23.35 -7.23 -9.52
N LYS A 11 -22.57 -8.31 -9.46
CA LYS A 11 -22.43 -9.10 -8.25
C LYS A 11 -21.31 -8.55 -7.37
N ARG A 12 -21.61 -8.36 -6.09
CA ARG A 12 -20.62 -7.85 -5.14
C ARG A 12 -19.68 -8.96 -4.68
N ILE A 13 -18.53 -8.57 -4.14
CA ILE A 13 -17.55 -9.53 -3.66
C ILE A 13 -16.72 -8.95 -2.51
N TYR A 14 -16.75 -9.62 -1.37
CA TYR A 14 -16.01 -9.18 -0.20
C TYR A 14 -14.51 -9.05 -0.51
N THR A 15 -13.73 -8.74 0.51
CA THR A 15 -12.28 -8.58 0.35
C THR A 15 -11.96 -7.37 -0.52
N LEU A 16 -12.62 -6.26 -0.24
CA LEU A 16 -12.39 -5.03 -0.99
C LEU A 16 -10.90 -4.69 -1.05
N LYS A 17 -10.28 -4.56 0.11
CA LYS A 17 -8.85 -4.25 0.19
C LYS A 17 -8.04 -5.24 -0.61
N LYS A 18 -7.54 -4.81 -1.77
CA LYS A 18 -6.74 -5.65 -2.63
C LYS A 18 -5.58 -6.29 -1.85
N VAL A 19 -4.77 -5.44 -1.21
CA VAL A 19 -3.64 -5.91 -0.43
C VAL A 19 -3.62 -5.27 0.95
N THR A 20 -3.25 -6.06 1.95
CA THR A 20 -3.18 -5.57 3.33
C THR A 20 -1.99 -4.66 3.53
N GLU A 21 -0.80 -5.16 3.21
CA GLU A 21 0.43 -4.39 3.35
C GLU A 21 0.59 -3.41 2.19
N SER A 22 0.47 -2.12 2.49
CA SER A 22 0.61 -1.08 1.48
C SER A 22 1.96 -1.17 0.79
N GLY A 23 2.99 -1.50 1.57
CA GLY A 23 4.34 -1.61 1.03
C GLY A 23 5.30 -2.28 1.99
N GLU A 24 6.36 -2.85 1.43
CA GLU A 24 7.37 -3.53 2.25
C GLU A 24 8.27 -2.53 2.97
N ILE A 25 8.44 -2.74 4.27
CA ILE A 25 9.28 -1.85 5.07
C ILE A 25 10.67 -2.44 5.28
N THR A 26 10.76 -3.76 5.23
CA THR A 26 12.04 -4.45 5.41
C THR A 26 12.89 -4.35 4.15
N LYS A 27 14.06 -3.73 4.29
CA LYS A 27 14.98 -3.57 3.17
C LYS A 27 15.94 -4.75 3.08
N SER A 28 16.54 -4.93 1.91
CA SER A 28 17.48 -6.02 1.69
C SER A 28 18.68 -5.55 0.87
N ALA A 29 19.87 -5.68 1.45
CA ALA A 29 21.10 -5.27 0.77
C ALA A 29 22.19 -6.31 0.95
N HIS A 30 22.98 -6.51 -0.10
CA HIS A 30 24.07 -7.48 -0.06
C HIS A 30 25.00 -7.31 -1.26
N PRO A 31 25.73 -6.19 -1.27
CA PRO A 31 26.68 -5.87 -2.36
C PRO A 31 27.89 -6.80 -2.35
N ALA A 32 27.77 -7.93 -3.03
CA ALA A 32 28.85 -8.90 -3.11
C ALA A 32 29.91 -8.45 -4.10
N ARG A 33 31.17 -8.78 -3.82
CA ARG A 33 32.28 -8.41 -4.70
C ARG A 33 33.59 -8.99 -4.19
N PHE A 34 34.15 -9.95 -4.93
CA PHE A 34 35.40 -10.58 -4.54
C PHE A 34 36.49 -10.27 -5.56
N SER A 35 37.73 -10.61 -5.21
CA SER A 35 38.87 -10.37 -6.08
C SER A 35 40.06 -11.25 -5.70
N PRO A 36 39.94 -12.56 -5.97
CA PRO A 36 40.99 -13.53 -5.65
C PRO A 36 42.22 -13.36 -6.54
N ASP A 37 42.00 -13.25 -7.85
CA ASP A 37 43.09 -13.08 -8.80
C ASP A 37 42.94 -11.77 -9.56
N ASP A 38 42.07 -10.90 -9.08
CA ASP A 38 41.82 -9.61 -9.71
C ASP A 38 42.83 -8.57 -9.22
N LYS A 39 43.40 -8.82 -8.05
CA LYS A 39 44.38 -7.91 -7.46
C LYS A 39 45.80 -8.32 -7.84
N TYR A 40 46.01 -9.63 -7.96
CA TYR A 40 47.32 -10.15 -8.31
C TYR A 40 47.81 -9.57 -9.64
N SER A 41 46.86 -9.21 -10.50
CA SER A 41 47.18 -8.64 -11.80
C SER A 41 48.09 -7.41 -11.65
N ARG A 42 47.99 -6.76 -10.51
CA ARG A 42 48.80 -5.57 -10.24
C ARG A 42 50.29 -5.90 -10.32
N GLN A 43 50.64 -7.16 -10.06
CA GLN A 43 52.02 -7.60 -10.11
C GLN A 43 52.63 -7.35 -11.49
N ARG A 44 51.76 -7.28 -12.50
CA ARG A 44 52.21 -7.04 -13.87
C ARG A 44 53.07 -5.79 -13.95
N VAL A 45 52.83 -4.85 -13.03
CA VAL A 45 53.58 -3.60 -13.01
C VAL A 45 55.09 -3.86 -13.04
N THR A 46 55.52 -4.89 -12.32
CA THR A 46 56.93 -5.23 -12.27
C THR A 46 57.53 -5.36 -13.68
N LEU A 47 58.77 -4.93 -13.83
CA LEU A 47 59.44 -4.99 -15.12
C LEU A 47 59.60 -6.44 -15.58
N LYS A 48 59.60 -7.36 -14.63
CA LYS A 48 59.73 -8.78 -14.94
C LYS A 48 58.58 -9.25 -15.83
N LYS A 49 57.42 -8.66 -15.64
CA LYS A 49 56.24 -9.02 -16.43
C LYS A 49 56.53 -8.89 -17.93
N ARG A 50 57.43 -7.99 -18.27
CA ARG A 50 57.81 -7.77 -19.66
C ARG A 50 58.80 -8.83 -20.14
N PHE A 51 58.57 -9.36 -21.33
CA PHE A 51 59.44 -10.38 -21.89
C PHE A 51 60.61 -9.73 -22.64
N GLY A 52 60.39 -8.53 -23.15
CA GLY A 52 61.45 -7.83 -23.88
C GLY A 52 62.47 -7.21 -22.96
N LEU A 53 63.36 -8.05 -22.44
CA LEU A 53 64.41 -7.57 -21.54
C LEU A 53 65.74 -7.43 -22.27
N VAL A 54 66.38 -6.27 -22.09
CA VAL A 54 67.66 -6.00 -22.74
C VAL A 54 67.58 -6.23 -24.25
N PRO A 55 66.85 -5.33 -24.93
CA PRO A 55 66.69 -5.40 -26.39
C PRO A 55 67.98 -5.10 -27.15
N GLY A 56 67.86 -4.98 -28.47
CA GLY A 56 69.03 -4.70 -29.28
C GLY A 56 68.80 -3.55 -30.24
N GLN A 57 69.26 -2.36 -29.85
CA GLN A 57 69.10 -1.17 -30.69
C GLN A 57 69.64 -1.42 -32.09
N HIS A 1 -16.03 4.17 -0.10
CA HIS A 1 -16.21 3.93 1.33
C HIS A 1 -16.80 2.55 1.58
N LEU A 2 -17.13 1.85 0.51
CA LEU A 2 -17.71 0.51 0.62
C LEU A 2 -16.68 -0.49 1.12
N MET A 3 -17.14 -1.69 1.47
CA MET A 3 -16.26 -2.74 1.95
C MET A 3 -16.32 -3.97 1.05
N TYR A 4 -16.74 -3.76 -0.19
CA TYR A 4 -16.85 -4.85 -1.15
C TYR A 4 -16.98 -4.31 -2.57
N THR A 5 -16.16 -4.81 -3.48
CA THR A 5 -16.19 -4.38 -4.87
C THR A 5 -17.25 -5.14 -5.66
N LEU A 6 -17.66 -4.57 -6.79
CA LEU A 6 -18.68 -5.19 -7.63
C LEU A 6 -18.06 -5.72 -8.92
N GLY A 7 -18.73 -6.69 -9.54
CA GLY A 7 -18.23 -7.27 -10.78
C GLY A 7 -18.88 -6.64 -12.01
N PRO A 8 -18.48 -7.12 -13.19
CA PRO A 8 -19.01 -6.61 -14.47
C PRO A 8 -20.45 -7.04 -14.69
N ASP A 9 -20.96 -7.90 -13.82
CA ASP A 9 -22.34 -8.38 -13.92
C ASP A 9 -23.23 -7.66 -12.92
N GLY A 10 -22.62 -7.12 -11.88
CA GLY A 10 -23.39 -6.41 -10.85
C GLY A 10 -23.37 -7.14 -9.52
N LYS A 11 -22.62 -8.23 -9.44
CA LYS A 11 -22.52 -9.00 -8.22
C LYS A 11 -21.55 -8.37 -7.24
N ARG A 12 -21.61 -8.78 -5.98
CA ARG A 12 -20.73 -8.25 -4.95
C ARG A 12 -19.71 -9.30 -4.50
N ILE A 13 -18.52 -8.84 -4.16
CA ILE A 13 -17.46 -9.74 -3.71
C ILE A 13 -16.61 -9.10 -2.62
N TYR A 14 -16.79 -9.57 -1.39
CA TYR A 14 -16.05 -9.03 -0.25
C TYR A 14 -14.55 -9.03 -0.54
N THR A 15 -14.01 -7.86 -0.85
CA THR A 15 -12.59 -7.72 -1.14
C THR A 15 -12.00 -6.50 -0.45
N LEU A 16 -12.59 -6.12 0.67
CA LEU A 16 -12.12 -4.95 1.42
C LEU A 16 -10.63 -5.05 1.70
N LYS A 17 -10.13 -6.28 1.84
CA LYS A 17 -8.72 -6.50 2.10
C LYS A 17 -7.85 -5.78 1.08
N LYS A 18 -8.38 -5.62 -0.13
CA LYS A 18 -7.65 -4.94 -1.19
C LYS A 18 -7.28 -3.52 -0.78
N VAL A 19 -8.30 -2.70 -0.52
CA VAL A 19 -8.08 -1.32 -0.12
C VAL A 19 -7.71 -1.23 1.36
N THR A 20 -6.65 -0.49 1.66
CA THR A 20 -6.19 -0.32 3.03
C THR A 20 -6.61 1.03 3.59
N GLU A 21 -6.70 2.03 2.71
CA GLU A 21 -7.09 3.37 3.12
C GLU A 21 -8.61 3.48 3.23
N SER A 22 -9.08 4.06 4.33
CA SER A 22 -10.51 4.24 4.56
C SER A 22 -10.99 5.58 4.01
N GLY A 23 -10.10 6.58 4.06
CA GLY A 23 -10.45 7.90 3.57
C GLY A 23 -9.41 8.94 3.93
N GLU A 24 -9.84 9.97 4.66
CA GLU A 24 -8.94 11.04 5.07
C GLU A 24 -7.78 10.49 5.89
N ILE A 25 -6.59 10.46 5.29
CA ILE A 25 -5.40 9.96 5.96
C ILE A 25 -5.22 10.63 7.31
N THR A 26 -4.53 9.94 8.23
CA THR A 26 -4.28 10.47 9.56
C THR A 26 -5.57 11.00 10.19
N LYS A 27 -6.67 10.32 9.91
CA LYS A 27 -7.97 10.73 10.45
C LYS A 27 -7.90 10.86 11.97
N SER A 28 -7.08 10.03 12.59
CA SER A 28 -6.92 10.05 14.04
C SER A 28 -5.46 10.25 14.43
N ALA A 29 -5.24 10.60 15.70
CA ALA A 29 -3.89 10.82 16.20
C ALA A 29 -3.08 9.53 16.19
N HIS A 30 -1.76 9.66 16.27
CA HIS A 30 -0.87 8.50 16.27
C HIS A 30 -1.27 7.51 17.36
N PRO A 31 -0.82 6.26 17.22
CA PRO A 31 -1.11 5.19 18.18
C PRO A 31 -0.40 5.41 19.51
N ALA A 32 -1.06 5.02 20.60
CA ALA A 32 -0.48 5.16 21.93
C ALA A 32 0.82 4.38 22.06
N ARG A 33 0.92 3.29 21.30
CA ARG A 33 2.12 2.45 21.32
C ARG A 33 2.04 1.35 20.27
N PHE A 34 3.18 0.77 19.93
CA PHE A 34 3.25 -0.29 18.94
C PHE A 34 2.66 -1.58 19.49
N SER A 35 1.45 -1.91 19.06
CA SER A 35 0.77 -3.12 19.51
C SER A 35 -0.50 -3.37 18.70
N PRO A 36 -0.32 -3.74 17.43
CA PRO A 36 -1.43 -4.02 16.51
C PRO A 36 -2.17 -5.30 16.89
N ASP A 37 -1.45 -6.27 17.41
CA ASP A 37 -2.03 -7.55 17.81
C ASP A 37 -1.64 -7.91 19.24
N ASP A 38 -2.55 -8.56 19.95
CA ASP A 38 -2.29 -8.96 21.33
C ASP A 38 -1.56 -10.30 21.39
N LYS A 39 -1.68 -11.07 20.31
CA LYS A 39 -1.02 -12.37 20.24
C LYS A 39 0.46 -12.22 19.92
N TYR A 40 0.88 -10.99 19.69
CA TYR A 40 2.28 -10.70 19.37
C TYR A 40 3.20 -11.30 20.42
N SER A 41 2.70 -11.44 21.64
CA SER A 41 3.49 -12.00 22.73
C SER A 41 4.05 -13.36 22.35
N ARG A 42 4.89 -13.91 23.23
CA ARG A 42 5.50 -15.21 22.98
C ARG A 42 4.58 -16.34 23.42
N GLN A 43 3.36 -15.99 23.81
CA GLN A 43 2.39 -16.97 24.25
C GLN A 43 1.95 -17.87 23.09
N ARG A 44 2.11 -17.37 21.88
CA ARG A 44 1.74 -18.13 20.69
C ARG A 44 2.89 -19.03 20.24
N VAL A 45 4.11 -18.52 20.32
CA VAL A 45 5.29 -19.28 19.93
C VAL A 45 5.68 -20.29 21.00
N THR A 46 5.37 -19.97 22.25
CA THR A 46 5.68 -20.86 23.36
C THR A 46 5.13 -22.26 23.12
N LEU A 47 5.88 -23.28 23.52
CA LEU A 47 5.47 -24.66 23.35
C LEU A 47 5.34 -25.00 21.87
N LYS A 48 5.92 -24.17 21.02
CA LYS A 48 5.86 -24.38 19.57
C LYS A 48 4.43 -24.65 19.11
N LYS A 49 3.48 -24.03 19.80
CA LYS A 49 2.07 -24.19 19.46
C LYS A 49 1.39 -22.83 19.27
N ARG A 50 1.20 -22.44 18.02
CA ARG A 50 0.57 -21.17 17.70
C ARG A 50 -0.95 -21.31 17.67
N PHE A 51 -1.47 -21.94 16.61
CA PHE A 51 -2.90 -22.14 16.45
C PHE A 51 -3.27 -23.60 16.69
N GLY A 52 -2.40 -24.33 17.39
CA GLY A 52 -2.66 -25.74 17.66
C GLY A 52 -1.88 -26.65 16.73
N LEU A 53 -1.55 -26.15 15.55
CA LEU A 53 -0.81 -26.93 14.57
C LEU A 53 -1.60 -28.16 14.14
N VAL A 54 -2.91 -27.98 13.93
CA VAL A 54 -3.78 -29.08 13.51
C VAL A 54 -3.85 -30.15 14.59
N PRO A 55 -4.48 -29.81 15.73
CA PRO A 55 -4.63 -30.73 16.86
C PRO A 55 -5.60 -31.87 16.55
N GLY A 56 -5.91 -32.68 17.57
CA GLY A 56 -6.82 -33.78 17.38
C GLY A 56 -6.10 -35.12 17.30
N GLN A 57 -6.81 -36.19 17.62
CA GLN A 57 -6.23 -37.53 17.58
C GLN A 57 -6.13 -38.05 16.14
N HIS A 1 -20.19 3.64 3.80
CA HIS A 1 -18.97 3.22 3.13
C HIS A 1 -19.07 1.77 2.68
N LEU A 2 -18.68 1.51 1.43
CA LEU A 2 -18.73 0.17 0.88
C LEU A 2 -17.62 -0.71 1.48
N MET A 3 -17.83 -2.02 1.46
CA MET A 3 -16.86 -2.96 1.99
C MET A 3 -16.65 -4.13 1.03
N TYR A 4 -16.97 -3.90 -0.24
CA TYR A 4 -16.82 -4.95 -1.25
C TYR A 4 -16.90 -4.36 -2.65
N THR A 5 -16.18 -4.95 -3.59
CA THR A 5 -16.16 -4.49 -4.97
C THR A 5 -17.14 -5.28 -5.83
N LEU A 6 -17.86 -4.58 -6.70
CA LEU A 6 -18.83 -5.23 -7.58
C LEU A 6 -18.15 -5.75 -8.84
N GLY A 7 -18.80 -6.72 -9.48
CA GLY A 7 -18.25 -7.30 -10.69
C GLY A 7 -18.82 -6.65 -11.96
N PRO A 8 -18.44 -7.20 -13.11
CA PRO A 8 -18.90 -6.69 -14.41
C PRO A 8 -20.38 -6.98 -14.65
N ASP A 9 -20.95 -7.86 -13.84
CA ASP A 9 -22.37 -8.21 -13.96
C ASP A 9 -23.20 -7.49 -12.90
N GLY A 10 -22.55 -7.12 -11.80
CA GLY A 10 -23.25 -6.43 -10.73
C GLY A 10 -23.30 -7.23 -9.46
N LYS A 11 -22.44 -8.25 -9.35
CA LYS A 11 -22.39 -9.10 -8.17
C LYS A 11 -21.40 -8.55 -7.14
N ARG A 12 -21.75 -8.70 -5.87
CA ARG A 12 -20.89 -8.22 -4.80
C ARG A 12 -19.75 -9.20 -4.52
N ILE A 13 -18.59 -8.66 -4.18
CA ILE A 13 -17.42 -9.49 -3.90
C ILE A 13 -16.60 -8.92 -2.75
N TYR A 14 -16.81 -9.46 -1.55
CA TYR A 14 -16.08 -9.00 -0.38
C TYR A 14 -14.59 -9.02 -0.61
N THR A 15 -14.00 -7.84 -0.82
CA THR A 15 -12.56 -7.73 -1.06
C THR A 15 -12.03 -6.41 -0.53
N LEU A 16 -12.65 -5.90 0.52
CA LEU A 16 -12.23 -4.64 1.12
C LEU A 16 -10.73 -4.64 1.41
N LYS A 17 -10.29 -5.61 2.21
CA LYS A 17 -8.88 -5.73 2.56
C LYS A 17 -8.34 -4.40 3.09
N LYS A 18 -9.12 -3.74 3.94
CA LYS A 18 -8.72 -2.46 4.52
C LYS A 18 -7.36 -2.59 5.21
N VAL A 19 -7.05 -3.78 5.69
CA VAL A 19 -5.78 -4.04 6.36
C VAL A 19 -4.60 -3.75 5.45
N THR A 20 -3.48 -3.34 6.04
CA THR A 20 -2.28 -3.03 5.27
C THR A 20 -1.32 -4.22 5.26
N GLU A 21 -0.21 -4.07 4.53
CA GLU A 21 0.78 -5.13 4.44
C GLU A 21 2.16 -4.62 4.87
N SER A 22 2.16 -3.56 5.67
CA SER A 22 3.41 -2.97 6.14
C SER A 22 4.01 -3.80 7.29
N GLY A 23 4.30 -5.05 7.00
CA GLY A 23 4.87 -5.93 8.01
C GLY A 23 5.94 -6.84 7.46
N GLU A 24 5.57 -7.67 6.49
CA GLU A 24 6.51 -8.60 5.87
C GLU A 24 7.21 -7.95 4.68
N ILE A 25 8.51 -7.72 4.81
CA ILE A 25 9.29 -7.11 3.74
C ILE A 25 10.41 -8.04 3.28
N THR A 26 10.75 -7.94 1.99
CA THR A 26 11.80 -8.77 1.42
C THR A 26 13.14 -8.05 1.44
N LYS A 27 14.08 -8.56 2.22
CA LYS A 27 15.41 -7.97 2.34
C LYS A 27 16.10 -7.96 0.98
N SER A 28 17.23 -7.25 0.90
CA SER A 28 17.99 -7.16 -0.34
C SER A 28 17.09 -6.73 -1.50
N ALA A 29 16.14 -5.85 -1.20
CA ALA A 29 15.21 -5.36 -2.22
C ALA A 29 14.68 -3.97 -1.85
N HIS A 30 15.11 -2.97 -2.61
CA HIS A 30 14.68 -1.60 -2.37
C HIS A 30 14.69 -0.79 -3.67
N PRO A 31 13.96 0.34 -3.66
CA PRO A 31 13.87 1.21 -4.83
C PRO A 31 15.18 1.96 -5.11
N ALA A 32 16.00 1.38 -5.98
CA ALA A 32 17.27 1.99 -6.33
C ALA A 32 17.80 1.45 -7.66
N ARG A 33 19.02 1.82 -8.01
CA ARG A 33 19.63 1.37 -9.25
C ARG A 33 21.07 1.88 -9.37
N PHE A 34 21.98 0.97 -9.71
CA PHE A 34 23.39 1.31 -9.84
C PHE A 34 23.81 1.27 -11.31
N SER A 35 22.85 1.45 -12.21
CA SER A 35 23.12 1.43 -13.64
C SER A 35 23.88 0.17 -14.03
N PRO A 36 23.17 -0.97 -14.04
CA PRO A 36 23.77 -2.26 -14.40
C PRO A 36 24.11 -2.35 -15.89
N ASP A 37 23.55 -1.44 -16.68
CA ASP A 37 23.81 -1.42 -18.11
C ASP A 37 25.30 -1.42 -18.40
N ASP A 38 25.66 -1.65 -19.66
CA ASP A 38 27.05 -1.67 -20.07
C ASP A 38 27.56 -0.27 -20.36
N LYS A 39 26.64 0.64 -20.67
CA LYS A 39 26.99 2.02 -20.98
C LYS A 39 27.13 2.84 -19.69
N TYR A 40 26.97 2.18 -18.56
CA TYR A 40 27.07 2.85 -17.26
C TYR A 40 28.37 3.65 -17.17
N SER A 41 29.41 3.17 -17.85
CA SER A 41 30.71 3.84 -17.84
C SER A 41 30.92 4.62 -19.13
N ARG A 42 30.53 5.89 -19.12
CA ARG A 42 30.68 6.74 -20.30
C ARG A 42 32.15 6.83 -20.72
N GLN A 43 33.04 6.55 -19.78
CA GLN A 43 34.48 6.60 -20.05
C GLN A 43 34.83 5.77 -21.29
N ARG A 44 34.08 4.68 -21.49
CA ARG A 44 34.32 3.80 -22.64
C ARG A 44 34.33 4.59 -23.93
N VAL A 45 33.53 5.66 -23.98
CA VAL A 45 33.46 6.51 -25.17
C VAL A 45 34.67 7.43 -25.27
N THR A 46 35.08 7.97 -24.13
CA THR A 46 36.22 8.87 -24.09
C THR A 46 37.45 8.24 -24.73
N LEU A 47 38.12 8.99 -25.60
CA LEU A 47 39.31 8.49 -26.28
C LEU A 47 40.40 8.13 -25.27
N LYS A 48 40.76 6.86 -25.23
CA LYS A 48 41.80 6.38 -24.31
C LYS A 48 43.15 6.97 -24.68
N LYS A 49 43.37 7.19 -25.98
CA LYS A 49 44.63 7.75 -26.47
C LYS A 49 44.37 8.86 -27.48
N ARG A 50 45.19 9.90 -27.44
CA ARG A 50 45.06 11.03 -28.35
C ARG A 50 45.73 10.72 -29.69
N PHE A 51 47.02 10.41 -29.63
CA PHE A 51 47.79 10.10 -30.84
C PHE A 51 47.10 9.02 -31.66
N GLY A 52 46.85 9.31 -32.93
CA GLY A 52 46.20 8.34 -33.80
C GLY A 52 46.56 8.54 -35.26
N LEU A 53 47.74 9.11 -35.50
CA LEU A 53 48.21 9.36 -36.86
C LEU A 53 49.16 8.25 -37.31
N VAL A 54 49.84 7.64 -36.35
CA VAL A 54 50.78 6.56 -36.65
C VAL A 54 50.93 5.61 -35.46
N PRO A 55 50.86 4.30 -35.74
CA PRO A 55 50.99 3.27 -34.69
C PRO A 55 52.40 3.19 -34.14
N GLY A 56 52.63 3.85 -33.01
CA GLY A 56 53.95 3.83 -32.39
C GLY A 56 54.27 2.50 -31.77
N GLN A 57 54.73 1.56 -32.59
CA GLN A 57 55.08 0.22 -32.10
C GLN A 57 56.42 0.24 -31.38
N HIS A 1 -16.90 4.36 0.67
CA HIS A 1 -16.50 3.56 1.83
C HIS A 1 -16.99 2.12 1.69
N LEU A 2 -17.17 1.69 0.44
CA LEU A 2 -17.62 0.33 0.17
C LEU A 2 -16.56 -0.70 0.53
N MET A 3 -16.95 -1.69 1.34
CA MET A 3 -16.02 -2.72 1.76
C MET A 3 -16.19 -3.99 0.91
N TYR A 4 -16.66 -3.79 -0.32
CA TYR A 4 -16.87 -4.92 -1.24
C TYR A 4 -16.99 -4.43 -2.68
N THR A 5 -16.12 -4.95 -3.53
CA THR A 5 -16.12 -4.58 -4.94
C THR A 5 -17.22 -5.31 -5.71
N LEU A 6 -17.63 -4.73 -6.84
CA LEU A 6 -18.67 -5.33 -7.67
C LEU A 6 -18.08 -5.91 -8.95
N GLY A 7 -18.85 -6.75 -9.62
CA GLY A 7 -18.39 -7.35 -10.86
C GLY A 7 -18.93 -6.65 -12.08
N PRO A 8 -18.61 -7.18 -13.27
CA PRO A 8 -19.06 -6.62 -14.54
C PRO A 8 -20.56 -6.80 -14.76
N ASP A 9 -21.17 -7.66 -13.96
CA ASP A 9 -22.60 -7.92 -14.06
C ASP A 9 -23.35 -7.32 -12.87
N GLY A 10 -22.61 -7.06 -11.79
CA GLY A 10 -23.22 -6.50 -10.60
C GLY A 10 -23.09 -7.40 -9.39
N LYS A 11 -22.22 -8.41 -9.50
CA LYS A 11 -22.00 -9.34 -8.41
C LYS A 11 -21.14 -8.72 -7.31
N ARG A 12 -21.60 -8.81 -6.08
CA ARG A 12 -20.87 -8.26 -4.94
C ARG A 12 -19.73 -9.18 -4.52
N ILE A 13 -18.66 -8.59 -4.02
CA ILE A 13 -17.50 -9.36 -3.58
C ILE A 13 -16.85 -8.72 -2.36
N TYR A 14 -16.76 -9.49 -1.27
CA TYR A 14 -16.15 -9.00 -0.03
C TYR A 14 -14.64 -8.92 -0.17
N THR A 15 -14.00 -8.29 0.82
CA THR A 15 -12.55 -8.14 0.81
C THR A 15 -12.06 -7.52 -0.49
N LEU A 16 -12.93 -6.74 -1.13
CA LEU A 16 -12.58 -6.09 -2.39
C LEU A 16 -11.80 -7.04 -3.30
N LYS A 17 -12.21 -8.30 -3.30
CA LYS A 17 -11.54 -9.31 -4.12
C LYS A 17 -11.98 -9.19 -5.58
N LYS A 18 -11.72 -8.03 -6.18
CA LYS A 18 -12.09 -7.78 -7.57
C LYS A 18 -11.41 -8.79 -8.49
N VAL A 19 -10.23 -9.24 -8.10
CA VAL A 19 -9.47 -10.21 -8.89
C VAL A 19 -10.30 -11.46 -9.15
N THR A 20 -10.38 -11.87 -10.40
CA THR A 20 -11.13 -13.06 -10.79
C THR A 20 -10.25 -14.05 -11.54
N GLU A 21 -10.66 -15.32 -11.53
CA GLU A 21 -9.90 -16.36 -12.21
C GLU A 21 -10.07 -16.26 -13.72
N SER A 22 -8.96 -16.02 -14.41
CA SER A 22 -8.98 -15.89 -15.87
C SER A 22 -9.19 -17.26 -16.53
N GLY A 23 -8.78 -18.32 -15.83
CA GLY A 23 -8.93 -19.65 -16.38
C GLY A 23 -8.26 -19.81 -17.72
N GLU A 24 -7.18 -19.06 -17.94
CA GLU A 24 -6.45 -19.14 -19.20
C GLU A 24 -5.25 -20.07 -19.08
N ILE A 25 -4.66 -20.41 -20.22
CA ILE A 25 -3.50 -21.29 -20.26
C ILE A 25 -2.41 -20.80 -19.31
N THR A 26 -1.68 -21.75 -18.72
CA THR A 26 -0.60 -21.41 -17.80
C THR A 26 0.62 -20.91 -18.54
N LYS A 27 1.28 -19.91 -17.98
CA LYS A 27 2.48 -19.35 -18.59
C LYS A 27 3.56 -20.41 -18.77
N SER A 28 4.54 -20.11 -19.62
CA SER A 28 5.63 -21.05 -19.88
C SER A 28 6.88 -20.68 -19.08
N ALA A 29 7.81 -21.62 -18.98
CA ALA A 29 9.04 -21.39 -18.24
C ALA A 29 9.93 -20.38 -18.94
N HIS A 30 10.24 -20.64 -20.21
CA HIS A 30 11.08 -19.73 -21.00
C HIS A 30 10.24 -18.94 -21.99
N PRO A 31 10.80 -17.82 -22.48
CA PRO A 31 10.11 -16.96 -23.45
C PRO A 31 9.99 -17.61 -24.81
N ALA A 32 10.84 -18.59 -25.08
CA ALA A 32 10.82 -19.29 -26.36
C ALA A 32 11.11 -18.34 -27.51
N ARG A 33 12.02 -17.40 -27.29
CA ARG A 33 12.39 -16.43 -28.31
C ARG A 33 13.36 -17.05 -29.32
N PHE A 34 12.81 -17.53 -30.44
CA PHE A 34 13.62 -18.14 -31.48
C PHE A 34 12.86 -18.16 -32.80
N SER A 35 13.60 -17.97 -33.90
CA SER A 35 13.01 -17.96 -35.23
C SER A 35 12.16 -19.22 -35.46
N PRO A 36 11.26 -19.15 -36.45
CA PRO A 36 10.38 -20.27 -36.78
C PRO A 36 11.13 -21.43 -37.43
N ASP A 37 12.09 -21.10 -38.29
CA ASP A 37 12.89 -22.11 -38.97
C ASP A 37 14.23 -21.53 -39.44
N ASP A 38 15.24 -22.38 -39.49
CA ASP A 38 16.57 -21.95 -39.91
C ASP A 38 16.65 -21.86 -41.43
N LYS A 39 15.77 -22.58 -42.11
CA LYS A 39 15.74 -22.58 -43.57
C LYS A 39 15.31 -21.21 -44.10
N TYR A 40 14.48 -20.52 -43.34
CA TYR A 40 13.99 -19.20 -43.73
C TYR A 40 15.15 -18.24 -43.98
N SER A 41 16.28 -18.52 -43.35
CA SER A 41 17.47 -17.68 -43.51
C SER A 41 18.18 -17.98 -44.83
N ARG A 42 18.05 -17.07 -45.78
CA ARG A 42 18.67 -17.24 -47.09
C ARG A 42 20.18 -17.02 -47.01
N GLN A 43 20.61 -16.23 -46.02
CA GLN A 43 22.02 -15.95 -45.83
C GLN A 43 22.82 -17.24 -45.65
N ARG A 44 22.14 -18.28 -45.20
CA ARG A 44 22.79 -19.57 -44.98
C ARG A 44 23.49 -20.05 -46.24
N VAL A 45 23.00 -19.60 -47.39
CA VAL A 45 23.59 -19.98 -48.67
C VAL A 45 25.09 -19.73 -48.69
N THR A 46 25.53 -18.67 -48.02
CA THR A 46 26.94 -18.32 -47.94
C THR A 46 27.62 -19.04 -46.79
N LEU A 47 28.49 -19.99 -47.12
CA LEU A 47 29.22 -20.76 -46.10
C LEU A 47 30.54 -21.27 -46.65
N LYS A 48 31.63 -20.61 -46.26
CA LYS A 48 32.96 -21.00 -46.72
C LYS A 48 33.00 -21.16 -48.24
N LYS A 49 32.34 -20.24 -48.93
CA LYS A 49 32.31 -20.29 -50.40
C LYS A 49 33.71 -20.22 -50.98
N ARG A 50 33.87 -20.76 -52.19
CA ARG A 50 35.16 -20.77 -52.86
C ARG A 50 34.99 -20.75 -54.38
N PHE A 51 36.01 -20.28 -55.08
CA PHE A 51 35.97 -20.22 -56.54
C PHE A 51 36.03 -21.62 -57.15
N GLY A 52 37.18 -22.27 -57.02
CA GLY A 52 37.35 -23.60 -57.57
C GLY A 52 37.87 -23.59 -58.99
N LEU A 53 37.00 -23.26 -59.93
CA LEU A 53 37.37 -23.22 -61.34
C LEU A 53 38.29 -22.03 -61.62
N VAL A 54 39.34 -22.27 -62.40
CA VAL A 54 40.29 -21.23 -62.75
C VAL A 54 40.74 -21.36 -64.20
N PRO A 55 39.85 -20.99 -65.14
CA PRO A 55 40.14 -21.07 -66.57
C PRO A 55 41.16 -20.02 -67.00
N GLY A 56 41.92 -20.35 -68.05
CA GLY A 56 42.93 -19.43 -68.55
C GLY A 56 44.14 -20.15 -69.11
N GLN A 57 44.10 -20.46 -70.40
CA GLN A 57 45.20 -21.15 -71.05
C GLN A 57 46.35 -20.19 -71.36
N HIS A 1 -16.51 4.44 0.74
CA HIS A 1 -16.90 3.66 1.91
C HIS A 1 -17.42 2.29 1.52
N LEU A 2 -16.90 1.76 0.40
CA LEU A 2 -17.32 0.46 -0.09
C LEU A 2 -16.48 -0.66 0.54
N MET A 3 -17.15 -1.68 1.03
CA MET A 3 -16.46 -2.81 1.65
C MET A 3 -16.62 -4.08 0.81
N TYR A 4 -16.89 -3.90 -0.47
CA TYR A 4 -17.07 -5.02 -1.39
C TYR A 4 -17.00 -4.56 -2.84
N THR A 5 -16.17 -5.24 -3.63
CA THR A 5 -16.01 -4.90 -5.03
C THR A 5 -17.13 -5.49 -5.88
N LEU A 6 -17.57 -4.76 -6.89
CA LEU A 6 -18.64 -5.22 -7.76
C LEU A 6 -18.08 -5.70 -9.10
N GLY A 7 -18.71 -6.72 -9.66
CA GLY A 7 -18.25 -7.25 -10.94
C GLY A 7 -18.92 -6.58 -12.12
N PRO A 8 -18.79 -7.19 -13.31
CA PRO A 8 -19.38 -6.66 -14.53
C PRO A 8 -20.91 -6.74 -14.54
N ASP A 9 -21.43 -7.74 -13.83
CA ASP A 9 -22.88 -7.93 -13.75
C ASP A 9 -23.40 -7.57 -12.36
N GLY A 10 -22.65 -6.73 -11.65
CA GLY A 10 -23.05 -6.33 -10.31
C GLY A 10 -22.73 -7.39 -9.27
N LYS A 11 -21.81 -8.28 -9.61
CA LYS A 11 -21.41 -9.35 -8.70
C LYS A 11 -20.67 -8.78 -7.49
N ARG A 12 -21.33 -8.79 -6.33
CA ARG A 12 -20.74 -8.28 -5.11
C ARG A 12 -19.64 -9.21 -4.60
N ILE A 13 -18.59 -8.63 -4.03
CA ILE A 13 -17.48 -9.41 -3.51
C ILE A 13 -16.88 -8.76 -2.28
N TYR A 14 -17.10 -9.38 -1.12
CA TYR A 14 -16.58 -8.85 0.14
C TYR A 14 -15.09 -8.58 0.04
N THR A 15 -14.71 -7.31 0.17
CA THR A 15 -13.31 -6.92 0.10
C THR A 15 -12.97 -5.86 1.15
N LEU A 16 -13.77 -5.83 2.22
CA LEU A 16 -13.56 -4.87 3.29
C LEU A 16 -12.12 -4.91 3.79
N LYS A 17 -11.51 -6.09 3.73
CA LYS A 17 -10.13 -6.27 4.18
C LYS A 17 -9.21 -5.27 3.47
N LYS A 18 -9.57 -4.90 2.25
CA LYS A 18 -8.77 -3.94 1.49
C LYS A 18 -8.51 -2.68 2.28
N VAL A 19 -7.23 -2.41 2.56
CA VAL A 19 -6.84 -1.23 3.31
C VAL A 19 -5.65 -0.53 2.67
N THR A 20 -5.68 0.80 2.65
CA THR A 20 -4.60 1.57 2.07
C THR A 20 -3.71 2.17 3.14
N GLU A 21 -4.26 2.35 4.34
CA GLU A 21 -3.52 2.90 5.46
C GLU A 21 -2.84 4.22 5.06
N SER A 22 -3.66 5.24 4.78
CA SER A 22 -3.15 6.54 4.38
C SER A 22 -3.05 7.47 5.58
N GLY A 23 -2.92 6.89 6.77
CA GLY A 23 -2.81 7.68 7.99
C GLY A 23 -3.66 7.12 9.12
N GLU A 24 -4.39 8.02 9.79
CA GLU A 24 -5.24 7.60 10.91
C GLU A 24 -6.34 8.64 11.15
N ILE A 25 -7.59 8.18 11.08
CA ILE A 25 -8.73 9.07 11.30
C ILE A 25 -9.72 8.45 12.29
N THR A 26 -10.31 9.30 13.13
CA THR A 26 -11.28 8.84 14.12
C THR A 26 -12.12 10.00 14.63
N LYS A 27 -13.21 9.66 15.32
CA LYS A 27 -14.10 10.67 15.88
C LYS A 27 -14.40 10.39 17.35
N SER A 28 -13.94 11.29 18.22
CA SER A 28 -14.15 11.14 19.65
C SER A 28 -14.49 12.48 20.29
N ALA A 29 -14.98 12.43 21.53
CA ALA A 29 -15.35 13.64 22.26
C ALA A 29 -14.78 13.63 23.67
N HIS A 30 -14.94 14.73 24.38
CA HIS A 30 -14.44 14.86 25.74
C HIS A 30 -14.97 16.12 26.41
N PRO A 31 -16.27 16.11 26.74
CA PRO A 31 -16.93 17.24 27.39
C PRO A 31 -16.46 17.44 28.83
N ALA A 32 -16.94 18.52 29.45
CA ALA A 32 -16.56 18.82 30.83
C ALA A 32 -17.81 18.93 31.72
N ARG A 33 -17.97 17.95 32.61
CA ARG A 33 -19.12 17.92 33.51
C ARG A 33 -19.20 19.22 34.31
N PHE A 34 -20.29 19.95 34.13
CA PHE A 34 -20.49 21.21 34.83
C PHE A 34 -21.67 21.11 35.80
N SER A 35 -21.86 22.17 36.60
CA SER A 35 -22.94 22.19 37.57
C SER A 35 -24.27 21.84 36.92
N PRO A 36 -24.79 20.64 37.24
CA PRO A 36 -26.06 20.16 36.70
C PRO A 36 -27.26 20.94 37.23
N ASP A 37 -27.20 21.28 38.52
CA ASP A 37 -28.29 22.01 39.16
C ASP A 37 -28.40 23.42 38.58
N ASP A 38 -29.57 23.72 38.02
CA ASP A 38 -29.81 25.04 37.42
C ASP A 38 -30.25 26.04 38.49
N LYS A 39 -30.79 25.53 39.58
CA LYS A 39 -31.25 26.38 40.67
C LYS A 39 -30.09 26.85 41.54
N TYR A 40 -28.89 26.38 41.20
CA TYR A 40 -27.69 26.75 41.95
C TYR A 40 -27.57 28.26 42.10
N SER A 41 -28.08 28.98 41.10
CA SER A 41 -28.04 30.44 41.12
C SER A 41 -29.35 31.02 41.65
N ARG A 42 -29.93 30.34 42.64
CA ARG A 42 -31.18 30.79 43.23
C ARG A 42 -30.97 32.05 44.06
N GLN A 43 -29.74 32.25 44.53
CA GLN A 43 -29.41 33.42 45.33
C GLN A 43 -29.77 34.71 44.60
N ARG A 44 -29.79 34.64 43.27
CA ARG A 44 -30.12 35.80 42.45
C ARG A 44 -31.45 36.42 42.90
N VAL A 45 -32.35 35.58 43.40
CA VAL A 45 -33.65 36.05 43.87
C VAL A 45 -33.50 37.20 44.85
N THR A 46 -32.51 37.09 45.74
CA THR A 46 -32.26 38.11 46.74
C THR A 46 -32.00 39.47 46.09
N LEU A 47 -32.14 40.54 46.86
CA LEU A 47 -31.92 41.88 46.35
C LEU A 47 -32.06 42.91 47.47
N LYS A 48 -30.99 43.66 47.72
CA LYS A 48 -31.00 44.69 48.76
C LYS A 48 -32.15 45.66 48.55
N LYS A 49 -33.05 45.72 49.52
CA LYS A 49 -34.20 46.62 49.45
C LYS A 49 -34.13 47.68 50.54
N ARG A 50 -33.52 47.33 51.66
CA ARG A 50 -33.38 48.26 52.77
C ARG A 50 -32.65 49.53 52.34
N PHE A 51 -33.01 50.66 52.96
CA PHE A 51 -32.40 51.94 52.63
C PHE A 51 -31.06 52.09 53.35
N GLY A 52 -30.97 51.55 54.55
CA GLY A 52 -29.75 51.64 55.33
C GLY A 52 -29.35 53.07 55.61
N LEU A 53 -30.34 53.93 55.78
CA LEU A 53 -30.09 55.34 56.07
C LEU A 53 -30.32 55.66 57.54
N VAL A 54 -31.22 54.89 58.16
CA VAL A 54 -31.53 55.08 59.57
C VAL A 54 -32.08 56.49 59.82
N PRO A 55 -33.30 56.74 59.33
CA PRO A 55 -33.96 58.04 59.49
C PRO A 55 -34.38 58.30 60.93
N GLY A 56 -34.45 57.25 61.72
CA GLY A 56 -34.84 57.38 63.11
C GLY A 56 -36.18 56.74 63.40
N GLN A 57 -36.30 56.15 64.59
CA GLN A 57 -37.54 55.49 64.98
C GLN A 57 -38.57 56.51 65.48
N HIS A 1 -17.28 4.87 -0.91
CA HIS A 1 -16.60 4.11 0.13
C HIS A 1 -17.39 2.85 0.48
N LEU A 2 -17.09 1.76 -0.22
CA LEU A 2 -17.76 0.48 0.01
C LEU A 2 -16.79 -0.55 0.57
N MET A 3 -17.35 -1.58 1.21
CA MET A 3 -16.52 -2.64 1.78
C MET A 3 -16.61 -3.91 0.94
N TYR A 4 -16.90 -3.75 -0.34
CA TYR A 4 -17.01 -4.88 -1.25
C TYR A 4 -16.99 -4.43 -2.70
N THR A 5 -16.19 -5.10 -3.52
CA THR A 5 -16.07 -4.75 -4.93
C THR A 5 -17.23 -5.34 -5.73
N LEU A 6 -17.46 -4.79 -6.92
CA LEU A 6 -18.54 -5.26 -7.78
C LEU A 6 -17.99 -5.79 -9.10
N GLY A 7 -18.71 -6.72 -9.72
CA GLY A 7 -18.28 -7.28 -10.98
C GLY A 7 -18.94 -6.62 -12.17
N PRO A 8 -18.84 -7.26 -13.35
CA PRO A 8 -19.42 -6.74 -14.59
C PRO A 8 -20.95 -6.78 -14.57
N ASP A 9 -21.50 -7.76 -13.87
CA ASP A 9 -22.95 -7.91 -13.78
C ASP A 9 -23.44 -7.55 -12.38
N GLY A 10 -22.67 -6.73 -11.68
CA GLY A 10 -23.05 -6.33 -10.33
C GLY A 10 -22.72 -7.38 -9.30
N LYS A 11 -21.81 -8.27 -9.64
CA LYS A 11 -21.41 -9.34 -8.73
C LYS A 11 -20.66 -8.77 -7.52
N ARG A 12 -21.30 -8.81 -6.37
CA ARG A 12 -20.71 -8.29 -5.14
C ARG A 12 -19.60 -9.23 -4.64
N ILE A 13 -18.56 -8.65 -4.07
CA ILE A 13 -17.43 -9.43 -3.56
C ILE A 13 -16.85 -8.79 -2.31
N TYR A 14 -17.11 -9.40 -1.16
CA TYR A 14 -16.61 -8.90 0.12
C TYR A 14 -15.08 -8.89 0.14
N THR A 15 -14.49 -7.73 -0.13
CA THR A 15 -13.04 -7.60 -0.15
C THR A 15 -12.59 -6.46 0.75
N LEU A 16 -13.42 -6.13 1.75
CA LEU A 16 -13.10 -5.06 2.68
C LEU A 16 -11.71 -5.24 3.28
N LYS A 17 -11.31 -6.51 3.44
CA LYS A 17 -10.00 -6.83 3.99
C LYS A 17 -8.89 -6.08 3.26
N LYS A 18 -9.11 -5.82 1.97
CA LYS A 18 -8.13 -5.10 1.16
C LYS A 18 -7.79 -3.76 1.78
N VAL A 19 -6.53 -3.59 2.17
CA VAL A 19 -6.08 -2.34 2.77
C VAL A 19 -5.27 -1.51 1.79
N THR A 20 -5.30 -0.20 1.97
CA THR A 20 -4.56 0.70 1.09
C THR A 20 -3.30 1.24 1.78
N GLU A 21 -2.51 2.00 1.03
CA GLU A 21 -1.28 2.57 1.57
C GLU A 21 -1.34 4.10 1.56
N SER A 22 -1.94 4.66 2.61
CA SER A 22 -2.06 6.10 2.73
C SER A 22 -2.76 6.69 1.50
N GLY A 23 -3.58 5.87 0.85
CA GLY A 23 -4.30 6.32 -0.32
C GLY A 23 -3.39 6.47 -1.53
N GLU A 24 -3.67 7.48 -2.36
CA GLU A 24 -2.88 7.71 -3.56
C GLU A 24 -2.87 9.20 -3.92
N ILE A 25 -1.73 9.85 -3.71
CA ILE A 25 -1.59 11.27 -4.01
C ILE A 25 -1.50 11.50 -5.51
N THR A 26 -0.66 10.72 -6.18
CA THR A 26 -0.49 10.85 -7.62
C THR A 26 -0.74 9.53 -8.32
N LYS A 27 -1.57 9.57 -9.36
CA LYS A 27 -1.90 8.36 -10.13
C LYS A 27 -0.73 7.94 -11.01
N SER A 28 -0.35 6.67 -10.90
CA SER A 28 0.75 6.14 -11.69
C SER A 28 0.26 5.60 -13.02
N ALA A 29 1.13 5.62 -14.03
CA ALA A 29 0.78 5.13 -15.36
C ALA A 29 1.19 3.67 -15.53
N HIS A 30 0.52 2.98 -16.44
CA HIS A 30 0.81 1.57 -16.70
C HIS A 30 2.17 1.42 -17.38
N PRO A 31 2.72 0.20 -17.31
CA PRO A 31 4.03 -0.12 -17.90
C PRO A 31 3.98 -0.12 -19.42
N ALA A 32 2.77 -0.19 -19.98
CA ALA A 32 2.58 -0.20 -21.42
C ALA A 32 1.29 0.50 -21.81
N ARG A 33 1.41 1.54 -22.63
CA ARG A 33 0.25 2.30 -23.09
C ARG A 33 -0.50 1.54 -24.18
N PHE A 34 -1.06 0.39 -23.81
CA PHE A 34 -1.80 -0.43 -24.76
C PHE A 34 -3.16 -0.82 -24.18
N SER A 35 -4.22 -0.54 -24.93
CA SER A 35 -5.57 -0.86 -24.50
C SER A 35 -5.96 -2.29 -24.92
N PRO A 36 -6.98 -2.84 -24.25
CA PRO A 36 -7.46 -4.19 -24.54
C PRO A 36 -8.17 -4.28 -25.89
N ASP A 37 -8.71 -3.16 -26.35
CA ASP A 37 -9.42 -3.11 -27.62
C ASP A 37 -10.66 -3.99 -27.60
N ASP A 38 -11.07 -4.38 -26.40
CA ASP A 38 -12.25 -5.24 -26.24
C ASP A 38 -13.53 -4.41 -26.32
N LYS A 39 -13.41 -3.12 -26.05
CA LYS A 39 -14.56 -2.21 -26.09
C LYS A 39 -15.08 -2.07 -27.52
N TYR A 40 -14.17 -2.19 -28.48
CA TYR A 40 -14.54 -2.06 -29.89
C TYR A 40 -15.60 -3.10 -30.28
N SER A 41 -15.66 -4.18 -29.50
CA SER A 41 -16.63 -5.25 -29.76
C SER A 41 -18.03 -4.69 -29.90
N ARG A 42 -18.70 -5.02 -31.00
CA ARG A 42 -20.06 -4.55 -31.25
C ARG A 42 -21.07 -5.45 -30.56
N GLN A 43 -20.58 -6.44 -29.81
CA GLN A 43 -21.45 -7.37 -29.10
C GLN A 43 -22.17 -6.67 -27.95
N ARG A 44 -21.58 -5.57 -27.47
CA ARG A 44 -22.16 -4.82 -26.37
C ARG A 44 -23.18 -3.79 -26.89
N VAL A 45 -22.85 -3.18 -28.01
CA VAL A 45 -23.73 -2.18 -28.62
C VAL A 45 -24.91 -2.84 -29.32
N THR A 46 -24.69 -4.04 -29.85
CA THR A 46 -25.73 -4.77 -30.54
C THR A 46 -26.97 -4.91 -29.69
N LEU A 47 -26.79 -4.89 -28.37
CA LEU A 47 -27.91 -5.01 -27.44
C LEU A 47 -27.57 -4.37 -26.10
N LYS A 48 -28.13 -3.19 -25.86
CA LYS A 48 -27.89 -2.46 -24.62
C LYS A 48 -29.13 -2.49 -23.73
N LYS A 49 -30.30 -2.51 -24.35
CA LYS A 49 -31.56 -2.53 -23.61
C LYS A 49 -32.01 -3.97 -23.36
N ARG A 50 -32.32 -4.69 -24.43
CA ARG A 50 -32.76 -6.08 -24.32
C ARG A 50 -31.56 -7.02 -24.19
N PHE A 51 -31.83 -8.23 -23.72
CA PHE A 51 -30.78 -9.22 -23.53
C PHE A 51 -31.18 -10.55 -24.14
N GLY A 52 -30.29 -11.12 -24.95
CA GLY A 52 -30.57 -12.40 -25.58
C GLY A 52 -30.27 -13.58 -24.67
N LEU A 53 -30.94 -13.63 -23.53
CA LEU A 53 -30.74 -14.70 -22.57
C LEU A 53 -32.00 -15.54 -22.42
N VAL A 54 -33.16 -14.91 -22.65
CA VAL A 54 -34.44 -15.60 -22.55
C VAL A 54 -35.50 -14.91 -23.39
N PRO A 55 -36.25 -15.70 -24.16
CA PRO A 55 -37.31 -15.19 -25.03
C PRO A 55 -38.51 -14.66 -24.24
N GLY A 56 -38.88 -15.40 -23.19
CA GLY A 56 -40.00 -14.99 -22.37
C GLY A 56 -41.30 -15.67 -22.76
N GLN A 57 -42.23 -15.76 -21.83
CA GLN A 57 -43.52 -16.39 -22.10
C GLN A 57 -44.64 -15.36 -22.10
N HIS A 1 -17.02 5.11 1.52
CA HIS A 1 -16.39 3.98 0.86
C HIS A 1 -17.11 2.68 1.21
N LEU A 2 -17.38 1.88 0.19
CA LEU A 2 -18.07 0.60 0.38
C LEU A 2 -17.14 -0.43 1.03
N MET A 3 -17.69 -1.59 1.36
CA MET A 3 -16.91 -2.65 1.98
C MET A 3 -16.92 -3.90 1.10
N TYR A 4 -17.19 -3.73 -0.18
CA TYR A 4 -17.23 -4.85 -1.12
C TYR A 4 -17.20 -4.35 -2.56
N THR A 5 -16.36 -4.99 -3.38
CA THR A 5 -16.24 -4.60 -4.78
C THR A 5 -17.38 -5.18 -5.61
N LEU A 6 -17.55 -4.65 -6.82
CA LEU A 6 -18.61 -5.12 -7.71
C LEU A 6 -18.02 -5.83 -8.92
N GLY A 7 -18.79 -6.76 -9.49
CA GLY A 7 -18.34 -7.49 -10.66
C GLY A 7 -18.80 -6.87 -11.95
N PRO A 8 -18.69 -7.63 -13.05
CA PRO A 8 -19.10 -7.17 -14.39
C PRO A 8 -20.61 -7.03 -14.51
N ASP A 9 -21.34 -7.91 -13.83
CA ASP A 9 -22.80 -7.88 -13.86
C ASP A 9 -23.37 -7.41 -12.52
N GLY A 10 -22.56 -6.65 -11.79
CA GLY A 10 -23.00 -6.15 -10.50
C GLY A 10 -22.95 -7.19 -9.41
N LYS A 11 -22.00 -8.12 -9.54
CA LYS A 11 -21.83 -9.18 -8.55
C LYS A 11 -20.94 -8.74 -7.40
N ARG A 12 -21.53 -8.59 -6.22
CA ARG A 12 -20.78 -8.16 -5.04
C ARG A 12 -19.67 -9.15 -4.72
N ILE A 13 -18.54 -8.63 -4.25
CA ILE A 13 -17.40 -9.48 -3.90
C ILE A 13 -16.63 -8.90 -2.71
N TYR A 14 -16.77 -9.54 -1.56
CA TYR A 14 -16.09 -9.09 -0.34
C TYR A 14 -14.59 -8.96 -0.59
N THR A 15 -14.14 -7.72 -0.77
CA THR A 15 -12.72 -7.46 -1.00
C THR A 15 -12.25 -6.22 -0.24
N LEU A 16 -12.95 -5.92 0.85
CA LEU A 16 -12.60 -4.76 1.68
C LEU A 16 -11.14 -4.82 2.12
N LYS A 17 -10.38 -3.81 1.74
CA LYS A 17 -8.97 -3.74 2.12
C LYS A 17 -8.80 -3.85 3.63
N LYS A 18 -9.73 -3.26 4.37
CA LYS A 18 -9.68 -3.29 5.83
C LYS A 18 -9.76 -4.72 6.34
N VAL A 19 -8.68 -5.18 6.98
CA VAL A 19 -8.64 -6.52 7.52
C VAL A 19 -8.15 -6.52 8.97
N THR A 20 -8.82 -7.28 9.82
CA THR A 20 -8.47 -7.35 11.23
C THR A 20 -7.44 -8.46 11.48
N GLU A 21 -6.32 -8.09 12.08
CA GLU A 21 -5.26 -9.05 12.38
C GLU A 21 -5.44 -9.66 13.76
N SER A 22 -5.34 -10.98 13.84
CA SER A 22 -5.49 -11.68 15.11
C SER A 22 -4.16 -11.81 15.83
N GLY A 23 -3.08 -11.86 15.06
CA GLY A 23 -1.75 -11.98 15.64
C GLY A 23 -0.65 -11.92 14.60
N GLU A 24 0.18 -10.87 14.67
CA GLU A 24 1.27 -10.70 13.72
C GLU A 24 2.20 -11.91 13.74
N ILE A 25 2.65 -12.29 14.93
CA ILE A 25 3.53 -13.43 15.08
C ILE A 25 2.75 -14.74 15.23
N THR A 26 3.14 -15.75 14.47
CA THR A 26 2.47 -17.04 14.52
C THR A 26 3.30 -18.06 15.29
N LYS A 27 4.62 -17.90 15.24
CA LYS A 27 5.53 -18.80 15.94
C LYS A 27 5.31 -18.73 17.45
N SER A 28 6.04 -19.55 18.19
CA SER A 28 5.93 -19.58 19.65
C SER A 28 7.23 -20.04 20.28
N ALA A 29 7.93 -19.10 20.93
CA ALA A 29 9.19 -19.42 21.59
C ALA A 29 8.97 -20.25 22.85
N HIS A 30 10.00 -20.97 23.27
CA HIS A 30 9.92 -21.79 24.46
C HIS A 30 11.31 -22.25 24.90
N PRO A 31 12.09 -21.30 25.44
CA PRO A 31 13.45 -21.59 25.92
C PRO A 31 13.47 -22.45 27.17
N ALA A 32 13.50 -23.76 26.98
CA ALA A 32 13.52 -24.70 28.10
C ALA A 32 14.94 -24.89 28.63
N ARG A 33 15.83 -25.41 27.79
CA ARG A 33 17.20 -25.63 28.18
C ARG A 33 18.12 -25.72 26.96
N PHE A 34 19.15 -24.89 26.93
CA PHE A 34 20.09 -24.88 25.82
C PHE A 34 21.44 -24.31 26.25
N SER A 35 22.51 -24.89 25.74
CA SER A 35 23.86 -24.45 26.08
C SER A 35 24.62 -24.02 24.83
N PRO A 36 25.69 -23.24 25.02
CA PRO A 36 26.52 -22.75 23.93
C PRO A 36 27.34 -23.85 23.27
N ASP A 37 27.93 -24.71 24.10
CA ASP A 37 28.74 -25.81 23.61
C ASP A 37 28.08 -27.15 23.93
N ASP A 38 28.02 -28.03 22.93
CA ASP A 38 27.41 -29.34 23.10
C ASP A 38 28.43 -30.34 23.66
N LYS A 39 29.71 -30.05 23.47
CA LYS A 39 30.77 -30.91 23.95
C LYS A 39 30.99 -30.74 25.45
N TYR A 40 30.27 -29.77 26.03
CA TYR A 40 30.38 -29.49 27.46
C TYR A 40 30.17 -30.77 28.27
N SER A 41 29.39 -31.68 27.73
CA SER A 41 29.10 -32.94 28.42
C SER A 41 30.39 -33.72 28.67
N ARG A 42 30.84 -33.72 29.91
CA ARG A 42 32.06 -34.42 30.29
C ARG A 42 31.80 -35.92 30.44
N GLN A 43 30.55 -36.27 30.75
CA GLN A 43 30.17 -37.67 30.93
C GLN A 43 30.60 -38.51 29.73
N ARG A 44 30.32 -38.00 28.54
CA ARG A 44 30.68 -38.70 27.31
C ARG A 44 32.19 -38.87 27.20
N VAL A 45 32.94 -37.91 27.73
CA VAL A 45 34.39 -37.94 27.70
C VAL A 45 34.94 -38.95 28.71
N THR A 46 34.53 -38.81 29.97
CA THR A 46 34.98 -39.70 31.02
C THR A 46 34.54 -41.13 30.76
N LEU A 47 35.22 -42.08 31.39
CA LEU A 47 34.89 -43.49 31.22
C LEU A 47 33.44 -43.77 31.59
N LYS A 48 32.71 -44.41 30.68
CA LYS A 48 31.31 -44.73 30.91
C LYS A 48 31.18 -46.04 31.68
N LYS A 49 30.40 -46.00 32.76
CA LYS A 49 30.19 -47.19 33.59
C LYS A 49 28.84 -47.83 33.27
N ARG A 50 28.67 -49.08 33.71
CA ARG A 50 27.44 -49.81 33.46
C ARG A 50 26.42 -49.53 34.56
N PHE A 51 25.19 -49.23 34.16
CA PHE A 51 24.12 -48.95 35.10
C PHE A 51 23.40 -50.23 35.52
N GLY A 52 23.40 -51.21 34.63
CA GLY A 52 22.74 -52.47 34.92
C GLY A 52 23.56 -53.35 35.86
N LEU A 53 23.52 -53.02 37.15
CA LEU A 53 24.25 -53.78 38.15
C LEU A 53 23.53 -55.09 38.49
N VAL A 54 22.45 -54.97 39.25
CA VAL A 54 21.66 -56.13 39.66
C VAL A 54 20.17 -55.79 39.73
N PRO A 55 19.36 -56.57 39.00
CA PRO A 55 17.90 -56.37 38.97
C PRO A 55 17.24 -56.74 40.29
N GLY A 56 16.33 -55.87 40.75
CA GLY A 56 15.64 -56.12 42.00
C GLY A 56 16.10 -55.19 43.11
N GLN A 57 16.47 -53.97 42.75
CA GLN A 57 16.92 -52.99 43.72
C GLN A 57 16.30 -51.62 43.45
N HIS A 1 -15.77 3.58 -2.06
CA HIS A 1 -15.74 3.76 -0.61
C HIS A 1 -16.45 2.61 0.09
N LEU A 2 -16.95 1.67 -0.69
CA LEU A 2 -17.66 0.51 -0.14
C LEU A 2 -16.68 -0.53 0.37
N MET A 3 -17.19 -1.48 1.16
CA MET A 3 -16.36 -2.54 1.71
C MET A 3 -16.49 -3.83 0.90
N TYR A 4 -16.84 -3.67 -0.37
CA TYR A 4 -17.01 -4.82 -1.26
C TYR A 4 -17.02 -4.38 -2.72
N THR A 5 -16.13 -4.97 -3.51
CA THR A 5 -16.04 -4.65 -4.93
C THR A 5 -17.08 -5.41 -5.74
N LEU A 6 -17.68 -4.72 -6.71
CA LEU A 6 -18.70 -5.35 -7.56
C LEU A 6 -18.07 -5.91 -8.84
N GLY A 7 -18.82 -6.75 -9.53
CA GLY A 7 -18.33 -7.34 -10.77
C GLY A 7 -18.89 -6.65 -12.00
N PRO A 8 -18.51 -7.17 -13.18
CA PRO A 8 -18.96 -6.61 -14.46
C PRO A 8 -20.45 -6.86 -14.71
N ASP A 9 -21.05 -7.70 -13.87
CA ASP A 9 -22.47 -8.02 -14.00
C ASP A 9 -23.28 -7.38 -12.86
N GLY A 10 -22.59 -7.06 -11.77
CA GLY A 10 -23.27 -6.45 -10.64
C GLY A 10 -23.23 -7.33 -9.41
N LYS A 11 -22.35 -8.32 -9.41
CA LYS A 11 -22.22 -9.24 -8.29
C LYS A 11 -21.30 -8.66 -7.22
N ARG A 12 -21.70 -8.80 -5.95
CA ARG A 12 -20.90 -8.30 -4.85
C ARG A 12 -19.73 -9.23 -4.54
N ILE A 13 -18.61 -8.65 -4.13
CA ILE A 13 -17.43 -9.43 -3.81
C ILE A 13 -16.68 -8.83 -2.62
N TYR A 14 -16.82 -9.46 -1.46
CA TYR A 14 -16.15 -8.99 -0.25
C TYR A 14 -14.66 -8.81 -0.48
N THR A 15 -14.22 -7.56 -0.60
CA THR A 15 -12.81 -7.25 -0.82
C THR A 15 -12.34 -6.15 0.12
N LEU A 16 -13.02 -6.01 1.25
CA LEU A 16 -12.66 -5.00 2.24
C LEU A 16 -11.18 -5.09 2.59
N LYS A 17 -10.70 -6.30 2.84
CA LYS A 17 -9.31 -6.53 3.18
C LYS A 17 -8.39 -6.04 2.07
N LYS A 18 -7.36 -5.29 2.45
CA LYS A 18 -6.40 -4.76 1.49
C LYS A 18 -5.75 -5.88 0.69
N VAL A 19 -5.66 -5.70 -0.62
CA VAL A 19 -5.06 -6.70 -1.50
C VAL A 19 -3.55 -6.53 -1.57
N THR A 20 -2.83 -7.58 -1.18
CA THR A 20 -1.37 -7.55 -1.19
C THR A 20 -0.82 -8.34 -2.36
N GLU A 21 -1.46 -9.47 -2.65
CA GLU A 21 -1.02 -10.33 -3.76
C GLU A 21 -1.67 -9.89 -5.07
N SER A 22 -0.87 -9.87 -6.14
CA SER A 22 -1.37 -9.47 -7.45
C SER A 22 -1.18 -10.59 -8.47
N GLY A 23 -1.32 -11.83 -8.01
CA GLY A 23 -1.17 -12.97 -8.89
C GLY A 23 0.28 -13.35 -9.11
N GLU A 24 0.55 -14.03 -10.22
CA GLU A 24 1.91 -14.45 -10.54
C GLU A 24 2.50 -13.57 -11.64
N ILE A 25 3.69 -13.04 -11.39
CA ILE A 25 4.37 -12.18 -12.35
C ILE A 25 5.55 -12.89 -12.98
N THR A 26 5.67 -12.77 -14.30
CA THR A 26 6.77 -13.40 -15.03
C THR A 26 8.12 -12.93 -14.51
N LYS A 27 9.16 -13.71 -14.80
CA LYS A 27 10.51 -13.37 -14.37
C LYS A 27 11.25 -12.58 -15.44
N SER A 28 10.91 -12.84 -16.70
CA SER A 28 11.55 -12.15 -17.81
C SER A 28 10.51 -11.42 -18.66
N ALA A 29 10.70 -10.12 -18.83
CA ALA A 29 9.78 -9.31 -19.62
C ALA A 29 10.54 -8.34 -20.53
N HIS A 30 10.51 -8.61 -21.83
CA HIS A 30 11.19 -7.76 -22.81
C HIS A 30 12.70 -7.73 -22.53
N PRO A 31 13.36 -8.88 -22.76
CA PRO A 31 14.81 -9.01 -22.54
C PRO A 31 15.62 -8.22 -23.57
N ALA A 32 14.97 -7.88 -24.68
CA ALA A 32 15.63 -7.13 -25.75
C ALA A 32 16.90 -7.84 -26.22
N ARG A 33 16.80 -9.15 -26.42
CA ARG A 33 17.92 -9.95 -26.87
C ARG A 33 18.42 -9.47 -28.23
N PHE A 34 19.73 -9.33 -28.36
CA PHE A 34 20.34 -8.88 -29.61
C PHE A 34 21.55 -9.72 -29.96
N SER A 35 21.66 -10.10 -31.23
CA SER A 35 22.77 -10.91 -31.71
C SER A 35 22.78 -12.28 -31.03
N PRO A 36 23.46 -13.24 -31.64
CA PRO A 36 23.56 -14.61 -31.11
C PRO A 36 24.40 -14.69 -29.84
N ASP A 37 25.53 -13.99 -29.85
CA ASP A 37 26.43 -13.98 -28.70
C ASP A 37 26.99 -15.36 -28.43
N ASP A 38 26.87 -16.25 -29.41
CA ASP A 38 27.37 -17.61 -29.29
C ASP A 38 28.89 -17.65 -29.42
N LYS A 39 29.44 -16.63 -30.07
CA LYS A 39 30.88 -16.54 -30.27
C LYS A 39 31.54 -15.73 -29.15
N TYR A 40 30.85 -14.70 -28.70
CA TYR A 40 31.36 -13.84 -27.64
C TYR A 40 31.57 -14.64 -26.35
N SER A 41 30.82 -15.72 -26.20
CA SER A 41 30.91 -16.56 -25.01
C SER A 41 32.26 -17.29 -24.98
N ARG A 42 32.87 -17.34 -23.80
CA ARG A 42 34.15 -18.01 -23.63
C ARG A 42 33.97 -19.51 -23.44
N GLN A 43 32.80 -19.90 -22.94
CA GLN A 43 32.51 -21.31 -22.72
C GLN A 43 32.74 -22.14 -23.99
N ARG A 44 32.56 -21.49 -25.14
CA ARG A 44 32.76 -22.15 -26.42
C ARG A 44 34.19 -22.65 -26.57
N VAL A 45 35.13 -21.97 -25.92
CA VAL A 45 36.53 -22.34 -25.97
C VAL A 45 36.81 -23.55 -25.09
N THR A 46 36.20 -23.57 -23.90
CA THR A 46 36.39 -24.67 -22.97
C THR A 46 35.87 -25.98 -23.55
N LEU A 47 36.05 -27.07 -22.80
CA LEU A 47 35.61 -28.38 -23.25
C LEU A 47 35.67 -29.40 -22.12
N LYS A 48 34.60 -30.16 -21.93
CA LYS A 48 34.54 -31.17 -20.88
C LYS A 48 35.26 -32.44 -21.31
N LYS A 49 36.23 -32.88 -20.50
CA LYS A 49 36.99 -34.08 -20.80
C LYS A 49 36.99 -35.03 -19.60
N ARG A 50 36.32 -36.17 -19.75
CA ARG A 50 36.26 -37.16 -18.67
C ARG A 50 36.56 -38.55 -19.21
N PHE A 51 37.14 -39.39 -18.36
CA PHE A 51 37.50 -40.75 -18.74
C PHE A 51 36.41 -41.74 -18.29
N GLY A 52 36.11 -41.71 -16.99
CA GLY A 52 35.11 -42.62 -16.46
C GLY A 52 35.68 -43.95 -16.02
N LEU A 53 36.49 -44.55 -16.88
CA LEU A 53 37.11 -45.84 -16.57
C LEU A 53 38.59 -45.67 -16.28
N VAL A 54 39.05 -46.27 -15.18
CA VAL A 54 40.45 -46.19 -14.79
C VAL A 54 41.06 -47.58 -14.68
N PRO A 55 42.26 -47.75 -15.27
CA PRO A 55 42.98 -49.02 -15.24
C PRO A 55 43.52 -49.36 -13.86
N GLY A 56 43.20 -50.57 -13.39
CA GLY A 56 43.66 -50.99 -12.08
C GLY A 56 44.94 -51.79 -12.13
N GLN A 57 45.14 -52.66 -11.16
CA GLN A 57 46.34 -53.48 -11.10
C GLN A 57 46.01 -54.96 -11.33
#